data_6L8O
#
_entry.id   6L8O
#
_cell.length_a   187.635
_cell.length_b   187.635
_cell.length_c   197.544
_cell.angle_alpha   90.00
_cell.angle_beta   90.00
_cell.angle_gamma   120.00
#
_symmetry.space_group_name_H-M   'P 62 2 2'
#
loop_
_entity.id
_entity.type
_entity.pdbx_description
1 polymer 'DNA repair protein RAD5'
2 non-polymer 'MERCURY (II) ION'
3 non-polymer 2-AMINO-2-HYDROXYMETHYL-PROPANE-1,3-DIOL
#
_entity_poly.entity_id   1
_entity_poly.type   'polypeptide(L)'
_entity_poly.pdbx_seq_one_letter_code
;ESPMSSDKGRNRWSRYIGSIHTMGFATRPTVKPVPIGSRLGFKKSVPKDLPLGKSLQHQHCSHLVRLIDTSQDRELGRMP
EDVARILYPLLDYSEQVSLEPYLLINNGKRFSVGDNIYIRIDCYLTSQAFVRIEGGSILNKSFINDHGMDTRQLHRAGAI
MALFDAINIQPVYGDTKNEMIPNYQENTVSSSQFQDEALNINQLKSFYRITQSAASLQNLPETTPDESLFKLQLRRYQKQ
SLSWMLKREYEYSHLSEKAAEVSIDGNSMNPLWKKFRWPSNSKQGTPNHEDDCFFYANLYTGEFSIEKPVIKTIINGGIL
ADEMGLGKTISALALICTASYDEAHEKKIESTKKPSMKEMSSQVDSSPLRHSQHKHDTYAYRTTLIVVPMSLLNQWQSEF
EKANKDLKKRCEIYYGNNIKDLRAYVLGPNAPSVIITTYGIIQSEYGRTSTSGLFNVVFFRIILDEGHTIRNRSTRTSKA
VIALRSSRKWILTGTPIINRLDDLFSLVQFLNLEPWSHINYWKRYVSVPFEKGNYAQAFDVINAVLEPVLLRRTKNMKDV
DGKPLVSLPPKEVIVEKLQLSSSEKRVYQSMLEDAENSVKEGLAKGDLLKNYTNILVHILRLRQVCCHLDLLKKTPDLGD
PDLEDLENSTQNISSILMPKNIKSPKSSISQDKLDALSANFRDIHSASEQLPSFECAICTTECIEPLSAVSITECLHTFC
EPCLAEYIEFQQNKKLSINCPYCRMPISEANVLKLKEPIDAERGYELISFHSHFQSTKIKALLRHLKQIQETSPGEQIIV
FSQFSSFLDILEIELRSHLPRDQVIIYKFDGRLDMKERTRILEQFHDKDLSCIKLLLLSLKTGGVGLNLTCASRAFMMDP
WWSPGMEDQAIDRIHRIGQQQTVKVVRFIIDNSVEEKMLRIQERKRMLGDIVEGDEAERRQKRIEEIQMLFQ
;
_entity_poly.pdbx_strand_id   A
#
loop_
_chem_comp.id
_chem_comp.type
_chem_comp.name
_chem_comp.formula
HG non-polymer 'MERCURY (II) ION' 'Hg 2'
TRS non-polymer 2-AMINO-2-HYDROXYMETHYL-PROPANE-1,3-DIOL 'C4 H12 N O3 1'
#
# COMPACT_ATOMS: atom_id res chain seq x y z
N ARG A 12 47.43 -19.98 0.77
CA ARG A 12 47.54 -18.93 1.79
C ARG A 12 48.59 -17.91 1.41
N TRP A 13 48.25 -16.64 1.55
CA TRP A 13 49.17 -15.54 1.28
C TRP A 13 48.72 -14.33 2.08
N SER A 14 49.56 -13.30 2.10
CA SER A 14 49.26 -12.03 2.75
C SER A 14 49.62 -10.90 1.82
N ARG A 15 49.07 -9.71 2.12
CA ARG A 15 49.33 -8.54 1.30
C ARG A 15 48.92 -7.29 2.05
N TYR A 16 49.75 -6.25 1.94
CA TYR A 16 49.56 -4.98 2.61
C TYR A 16 48.64 -4.07 1.81
N ILE A 17 47.78 -3.32 2.51
CA ILE A 17 46.86 -2.41 1.85
C ILE A 17 46.95 -0.97 2.33
N GLY A 18 47.49 -0.70 3.50
CA GLY A 18 47.54 0.67 3.99
C GLY A 18 48.11 0.73 5.39
N SER A 19 48.46 1.95 5.80
CA SER A 19 49.07 2.17 7.10
C SER A 19 48.40 3.35 7.80
N ILE A 20 48.49 3.35 9.13
CA ILE A 20 47.88 4.36 9.98
C ILE A 20 48.94 4.90 10.94
N HIS A 21 49.03 6.22 11.06
CA HIS A 21 49.97 6.88 11.95
C HIS A 21 49.23 7.44 13.14
N THR A 22 49.69 7.11 14.35
CA THR A 22 49.01 7.51 15.57
C THR A 22 50.01 7.44 16.73
N MET A 23 49.79 8.30 17.73
CA MET A 23 50.55 8.28 18.96
C MET A 23 49.84 7.43 20.03
N GLY A 24 50.64 6.80 20.88
CA GLY A 24 50.12 6.03 21.99
C GLY A 24 50.64 6.52 23.33
N PHE A 25 49.90 6.25 24.40
CA PHE A 25 50.24 6.73 25.74
C PHE A 25 50.96 5.63 26.52
N ALA A 26 52.13 5.96 27.05
CA ALA A 26 52.96 4.96 27.72
C ALA A 26 52.30 4.45 28.99
N THR A 27 52.39 3.14 29.20
CA THR A 27 51.90 2.49 30.40
C THR A 27 53.02 2.07 31.35
N ARG A 28 53.99 1.31 30.85
CA ARG A 28 55.10 0.83 31.66
C ARG A 28 56.41 1.47 31.21
N PRO A 29 57.25 1.90 32.14
CA PRO A 29 58.54 2.48 31.75
C PRO A 29 59.47 1.43 31.17
N THR A 30 60.38 1.89 30.32
CA THR A 30 61.36 1.05 29.67
C THR A 30 62.74 1.38 30.22
N VAL A 31 63.46 0.38 30.69
CA VAL A 31 64.81 0.62 31.22
C VAL A 31 65.76 1.03 30.10
N LYS A 32 65.81 0.23 29.02
CA LYS A 32 66.67 0.55 27.89
C LYS A 32 65.81 0.96 26.70
N PRO A 33 65.93 2.23 26.24
CA PRO A 33 65.01 2.76 25.21
C PRO A 33 64.76 1.82 24.05
N VAL A 34 63.52 1.79 23.58
CA VAL A 34 63.11 0.81 22.57
C VAL A 34 63.75 1.17 21.22
N PRO A 35 64.15 0.20 20.41
CA PRO A 35 64.72 0.52 19.10
C PRO A 35 63.71 1.23 18.23
N ILE A 36 64.22 2.07 17.31
CA ILE A 36 63.34 2.83 16.43
C ILE A 36 62.49 1.90 15.60
N GLY A 37 63.08 0.84 15.04
CA GLY A 37 62.34 -0.08 14.20
C GLY A 37 61.73 -1.24 14.94
N SER A 38 61.25 -0.99 16.16
CA SER A 38 60.73 -2.05 17.01
C SER A 38 59.53 -2.74 16.37
N ARG A 39 59.57 -4.07 16.33
CA ARG A 39 58.50 -4.89 15.79
C ARG A 39 57.45 -5.09 16.89
N LEU A 40 56.61 -4.07 17.06
CA LEU A 40 55.64 -4.06 18.16
C LEU A 40 54.47 -4.99 17.84
N GLY A 41 53.47 -4.99 18.74
CA GLY A 41 52.29 -5.82 18.58
C GLY A 41 51.13 -5.24 19.35
N PHE A 42 49.95 -5.79 19.09
CA PHE A 42 48.70 -5.31 19.67
C PHE A 42 48.07 -6.42 20.50
N LYS A 43 47.89 -6.16 21.79
CA LYS A 43 47.24 -7.07 22.71
C LYS A 43 45.81 -6.59 22.98
N LYS A 44 44.88 -7.55 23.01
CA LYS A 44 43.46 -7.25 23.25
C LYS A 44 43.18 -7.46 24.73
N SER A 45 43.28 -6.36 25.49
CA SER A 45 43.00 -6.37 26.93
C SER A 45 43.87 -7.37 27.67
N SER A 62 34.05 3.46 25.89
CA SER A 62 35.36 3.38 26.52
C SER A 62 35.99 2.00 26.28
N HIS A 63 36.94 1.95 25.35
CA HIS A 63 37.61 0.70 24.99
C HIS A 63 39.11 0.90 25.12
N LEU A 64 39.78 -0.10 25.69
CA LEU A 64 41.23 -0.06 25.92
C LEU A 64 41.88 -1.27 25.26
N VAL A 65 42.49 -1.05 24.11
CA VAL A 65 43.34 -2.05 23.45
C VAL A 65 44.78 -1.75 23.81
N ARG A 66 45.55 -2.78 24.09
CA ARG A 66 46.89 -2.63 24.66
C ARG A 66 47.96 -2.71 23.58
N LEU A 67 49.01 -1.91 23.74
CA LEU A 67 50.16 -1.88 22.85
C LEU A 67 51.33 -2.55 23.55
N ILE A 68 51.72 -3.73 23.08
CA ILE A 68 52.80 -4.50 23.66
C ILE A 68 53.93 -4.62 22.63
N ASP A 69 55.10 -5.01 23.11
CA ASP A 69 56.22 -5.31 22.25
C ASP A 69 56.43 -6.81 22.14
N THR A 70 57.31 -7.21 21.22
CA THR A 70 57.60 -8.61 21.01
C THR A 70 58.83 -9.10 21.74
N SER A 71 59.72 -8.20 22.16
CA SER A 71 60.96 -8.59 22.81
C SER A 71 60.78 -8.69 24.32
N GLN A 72 60.38 -7.59 24.97
CA GLN A 72 60.27 -7.58 26.42
C GLN A 72 59.08 -8.39 26.92
N ASP A 73 58.11 -8.67 26.06
CA ASP A 73 56.89 -9.41 26.43
C ASP A 73 56.17 -8.74 27.60
N ARG A 74 56.12 -7.40 27.58
CA ARG A 74 55.42 -6.62 28.58
C ARG A 74 54.54 -5.59 27.89
N GLU A 75 53.67 -4.97 28.68
CA GLU A 75 52.74 -3.96 28.17
C GLU A 75 53.45 -2.61 28.10
N LEU A 76 53.18 -1.86 27.03
CA LEU A 76 53.82 -0.58 26.84
C LEU A 76 52.86 0.60 26.81
N GLY A 77 51.68 0.45 26.22
CA GLY A 77 50.82 1.61 26.09
C GLY A 77 49.37 1.27 25.85
N ARG A 78 48.52 2.27 26.11
CA ARG A 78 47.10 2.23 25.78
C ARG A 78 46.85 3.21 24.63
N MET A 79 46.16 2.74 23.61
CA MET A 79 45.89 3.55 22.44
C MET A 79 44.77 4.56 22.72
N PRO A 80 44.67 5.62 21.93
CA PRO A 80 43.58 6.58 22.11
C PRO A 80 42.23 5.95 21.78
N GLU A 81 41.17 6.59 22.27
CA GLU A 81 39.83 6.05 22.13
C GLU A 81 39.42 5.93 20.67
N ASP A 82 39.61 7.00 19.89
CA ASP A 82 39.20 6.98 18.49
C ASP A 82 39.98 5.97 17.67
N VAL A 83 41.11 5.49 18.17
CA VAL A 83 41.92 4.49 17.48
C VAL A 83 41.63 3.12 18.05
N ALA A 84 41.34 3.06 19.35
CA ALA A 84 40.94 1.79 19.97
C ALA A 84 39.65 1.26 19.37
N ARG A 85 38.73 2.16 18.99
CA ARG A 85 37.49 1.73 18.38
C ARG A 85 37.72 1.09 17.02
N ILE A 86 38.79 1.49 16.33
CA ILE A 86 39.13 0.87 15.05
C ILE A 86 39.83 -0.46 15.26
N LEU A 87 40.70 -0.54 16.27
CA LEU A 87 41.56 -1.72 16.44
C LEU A 87 40.85 -2.85 17.16
N TYR A 88 40.09 -2.54 18.21
CA TYR A 88 39.52 -3.57 19.09
C TYR A 88 38.72 -4.63 18.35
N PRO A 89 37.75 -4.31 17.49
CA PRO A 89 37.02 -5.38 16.81
C PRO A 89 37.82 -6.09 15.74
N LEU A 90 38.86 -5.45 15.20
CA LEU A 90 39.66 -6.09 14.15
C LEU A 90 40.53 -7.21 14.69
N LEU A 91 40.92 -7.13 15.96
CA LEU A 91 41.74 -8.18 16.56
C LEU A 91 41.02 -9.52 16.60
N ASP A 92 39.69 -9.52 16.56
CA ASP A 92 38.94 -10.77 16.49
C ASP A 92 39.17 -11.49 15.16
N TYR A 93 39.41 -10.74 14.09
CA TYR A 93 39.65 -11.30 12.76
C TYR A 93 41.13 -11.33 12.44
N SER A 94 41.90 -11.93 13.36
CA SER A 94 43.36 -11.92 13.28
C SER A 94 43.85 -12.62 12.02
N GLU A 95 43.32 -13.83 11.75
CA GLU A 95 43.70 -14.52 10.53
C GLU A 95 43.25 -13.77 9.29
N GLN A 96 42.24 -12.90 9.41
CA GLN A 96 41.63 -12.23 8.28
C GLN A 96 42.33 -10.91 7.96
N VAL A 97 42.54 -10.08 8.97
CA VAL A 97 43.26 -8.81 8.84
C VAL A 97 44.24 -8.74 10.00
N SER A 98 45.54 -8.77 9.69
CA SER A 98 46.58 -8.63 10.70
C SER A 98 47.07 -7.19 10.75
N LEU A 99 47.35 -6.71 11.95
CA LEU A 99 47.85 -5.37 12.18
C LEU A 99 49.27 -5.46 12.70
N GLU A 100 50.23 -4.94 11.92
CA GLU A 100 51.64 -4.97 12.29
C GLU A 100 52.11 -3.56 12.61
N PRO A 101 52.02 -3.13 13.86
CA PRO A 101 52.47 -1.77 14.20
C PRO A 101 53.98 -1.72 14.42
N TYR A 102 54.58 -0.67 13.87
CA TYR A 102 56.00 -0.42 14.01
C TYR A 102 56.19 0.92 14.72
N LEU A 103 57.31 1.05 15.43
CA LEU A 103 57.64 2.27 16.16
C LEU A 103 58.28 3.30 15.24
N LEU A 104 57.97 4.57 15.49
CA LEU A 104 58.32 5.66 14.59
C LEU A 104 59.39 6.60 15.12
N ILE A 105 59.38 6.94 16.41
CA ILE A 105 60.31 7.93 16.95
C ILE A 105 60.82 7.46 18.29
N ASN A 106 62.14 7.46 18.45
CA ASN A 106 62.81 7.14 19.70
C ASN A 106 63.62 8.36 20.12
N ASN A 107 63.17 9.05 21.17
CA ASN A 107 63.88 10.19 21.71
C ASN A 107 65.15 9.81 22.48
N GLY A 108 65.65 8.60 22.30
CA GLY A 108 66.83 8.17 23.01
C GLY A 108 66.68 8.30 24.51
N LYS A 109 65.58 7.79 25.05
CA LYS A 109 65.24 8.03 26.44
C LYS A 109 64.34 6.92 26.93
N ARG A 110 64.43 6.65 28.24
CA ARG A 110 63.52 5.71 28.87
C ARG A 110 62.11 6.29 28.87
N PHE A 111 61.16 5.50 28.36
CA PHE A 111 59.78 5.95 28.31
C PHE A 111 59.25 6.23 29.72
N SER A 112 58.90 7.49 29.96
CA SER A 112 58.37 7.87 31.26
C SER A 112 56.90 7.49 31.35
N VAL A 113 56.31 7.71 32.53
CA VAL A 113 54.90 7.45 32.75
C VAL A 113 54.13 8.59 32.09
N GLY A 114 53.67 8.36 30.87
CA GLY A 114 52.90 9.34 30.12
C GLY A 114 53.53 9.81 28.83
N ASP A 115 54.75 9.39 28.51
CA ASP A 115 55.38 9.76 27.26
C ASP A 115 54.54 9.27 26.07
N ASN A 116 54.75 9.93 24.93
CA ASN A 116 53.99 9.61 23.73
C ASN A 116 54.74 8.61 22.88
N ILE A 117 54.01 7.62 22.36
CA ILE A 117 54.57 6.50 21.61
C ILE A 117 54.05 6.63 20.18
N TYR A 118 54.91 7.09 19.27
CA TYR A 118 54.52 7.34 17.90
C TYR A 118 54.65 6.06 17.09
N ILE A 119 53.55 5.64 16.47
CA ILE A 119 53.42 4.32 15.86
C ILE A 119 52.91 4.46 14.43
N ARG A 120 53.37 3.58 13.56
CA ARG A 120 52.84 3.43 12.21
C ARG A 120 52.26 2.02 12.09
N ILE A 121 50.95 1.93 11.95
CA ILE A 121 50.25 0.64 11.95
C ILE A 121 50.12 0.17 10.50
N ASP A 122 50.93 -0.81 10.12
CA ASP A 122 50.85 -1.40 8.79
C ASP A 122 49.76 -2.47 8.77
N CYS A 123 48.79 -2.30 7.87
CA CYS A 123 47.63 -3.18 7.78
C CYS A 123 47.75 -4.07 6.57
N TYR A 124 47.63 -5.38 6.78
CA TYR A 124 47.72 -6.38 5.73
C TYR A 124 46.41 -7.14 5.62
N LEU A 125 46.12 -7.61 4.41
CA LEU A 125 44.98 -8.49 4.17
C LEU A 125 45.49 -9.89 3.89
N THR A 126 44.98 -10.87 4.64
CA THR A 126 45.29 -12.28 4.43
C THR A 126 44.15 -12.93 3.65
N SER A 127 44.50 -13.94 2.86
CA SER A 127 43.50 -14.69 2.11
C SER A 127 42.46 -15.37 3.00
N GLN A 128 42.62 -15.33 4.33
CA GLN A 128 41.63 -15.91 5.22
C GLN A 128 40.40 -15.02 5.38
N ALA A 129 40.52 -13.73 5.12
CA ALA A 129 39.35 -12.88 4.90
C ALA A 129 38.93 -12.89 3.44
N PHE A 130 39.91 -12.87 2.56
CA PHE A 130 39.67 -12.70 1.14
C PHE A 130 39.11 -13.98 0.55
N VAL A 131 38.07 -13.84 -0.27
CA VAL A 131 37.40 -14.92 -1.00
C VAL A 131 37.28 -16.19 -0.15
N ARG A 132 36.78 -16.02 1.09
CA ARG A 132 36.40 -17.15 1.94
C ARG A 132 34.91 -17.11 2.26
N ILE A 133 34.13 -16.51 1.38
CA ILE A 133 32.69 -16.32 1.59
C ILE A 133 31.94 -17.66 1.59
N HIS A 147 22.24 -19.39 10.22
CA HIS A 147 21.75 -19.70 11.56
C HIS A 147 21.36 -18.43 12.31
N GLY A 148 21.03 -17.38 11.55
CA GLY A 148 20.73 -16.09 12.15
C GLY A 148 21.97 -15.48 12.77
N MET A 149 23.03 -15.37 11.99
CA MET A 149 24.33 -14.91 12.45
C MET A 149 24.63 -13.50 11.94
N ASP A 150 23.59 -12.72 11.64
CA ASP A 150 23.78 -11.41 11.04
C ASP A 150 24.67 -10.52 11.89
N THR A 151 24.53 -10.62 13.22
CA THR A 151 25.36 -9.80 14.10
C THR A 151 26.83 -10.15 13.96
N ARG A 152 27.14 -11.44 13.88
CA ARG A 152 28.54 -11.85 13.67
C ARG A 152 29.06 -11.39 12.32
N GLN A 153 28.19 -11.30 11.32
CA GLN A 153 28.61 -10.93 9.97
C GLN A 153 28.63 -9.42 9.76
N LEU A 154 27.73 -8.68 10.41
CA LEU A 154 27.78 -7.21 10.32
C LEU A 154 28.92 -6.64 11.14
N HIS A 155 29.23 -7.25 12.29
CA HIS A 155 30.36 -6.80 13.09
C HIS A 155 31.65 -6.86 12.29
N ARG A 156 31.82 -7.92 11.49
CA ARG A 156 32.98 -8.03 10.61
C ARG A 156 32.92 -6.99 9.50
N ALA A 157 31.78 -6.93 8.80
CA ALA A 157 31.66 -5.99 7.67
C ALA A 157 31.83 -4.55 8.13
N GLY A 158 31.56 -4.26 9.40
CA GLY A 158 31.66 -2.92 9.92
C GLY A 158 33.06 -2.56 10.38
N ALA A 159 33.68 -3.46 11.15
CA ALA A 159 35.06 -3.24 11.57
C ALA A 159 35.98 -3.12 10.36
N ILE A 160 35.80 -4.00 9.37
CA ILE A 160 36.60 -3.91 8.15
C ILE A 160 36.35 -2.58 7.45
N MET A 161 35.09 -2.14 7.42
CA MET A 161 34.76 -0.87 6.78
C MET A 161 35.39 0.30 7.52
N ALA A 162 35.43 0.25 8.85
CA ALA A 162 36.10 1.29 9.62
C ALA A 162 37.61 1.28 9.38
N LEU A 163 38.18 0.09 9.16
CA LEU A 163 39.61 0.02 8.86
C LEU A 163 39.95 0.74 7.56
N PHE A 164 39.12 0.52 6.53
CA PHE A 164 39.33 1.19 5.25
C PHE A 164 39.26 2.71 5.40
N ASP A 165 38.32 3.19 6.22
CA ASP A 165 38.20 4.64 6.43
C ASP A 165 39.46 5.20 7.07
N ALA A 166 40.07 4.44 8.00
CA ALA A 166 41.26 4.93 8.67
C ALA A 166 42.43 5.03 7.71
N ILE A 167 42.73 3.95 6.98
CA ILE A 167 43.79 3.98 5.98
C ILE A 167 43.40 4.80 4.75
N ASN A 168 42.14 5.22 4.66
CA ASN A 168 41.69 6.16 3.63
C ASN A 168 41.91 5.60 2.22
N ILE A 169 41.49 4.35 2.02
CA ILE A 169 41.54 3.71 0.72
C ILE A 169 40.20 3.90 0.03
N GLN A 170 40.25 4.28 -1.25
CA GLN A 170 39.06 4.63 -1.99
C GLN A 170 38.92 3.75 -3.23
N PRO A 171 37.69 3.50 -3.68
CA PRO A 171 37.51 2.71 -4.89
C PRO A 171 37.86 3.50 -6.14
N VAL A 172 37.80 2.80 -7.28
CA VAL A 172 38.06 3.37 -8.58
C VAL A 172 36.73 3.46 -9.33
N TYR A 173 36.54 4.57 -10.05
CA TYR A 173 35.33 4.81 -10.83
C TYR A 173 35.70 4.91 -12.30
N GLY A 174 34.77 4.49 -13.17
CA GLY A 174 35.07 4.40 -14.58
C GLY A 174 34.12 5.16 -15.50
N ASP A 175 33.15 5.87 -14.92
CA ASP A 175 32.17 6.61 -15.71
C ASP A 175 32.53 8.10 -15.71
N THR A 176 31.83 8.85 -16.59
CA THR A 176 32.08 10.27 -16.68
C THR A 176 31.58 11.01 -15.44
N LYS A 177 30.45 10.57 -14.88
CA LYS A 177 29.96 11.07 -13.60
C LYS A 177 30.13 9.99 -12.56
N ASN A 178 30.68 10.35 -11.40
CA ASN A 178 31.03 9.37 -10.39
C ASN A 178 29.81 8.93 -9.59
N GLU A 179 29.86 7.69 -9.13
CA GLU A 179 28.71 7.07 -8.47
C GLU A 179 28.77 7.18 -6.95
N MET A 180 28.14 6.23 -6.28
CA MET A 180 27.90 6.30 -4.84
C MET A 180 29.21 6.23 -4.05
N ILE A 181 29.17 6.81 -2.85
CA ILE A 181 30.28 6.80 -1.91
C ILE A 181 30.11 5.61 -0.98
N PRO A 182 31.19 5.16 -0.32
CA PRO A 182 31.02 4.08 0.66
C PRO A 182 30.19 4.53 1.86
N ASN A 183 29.25 3.68 2.26
CA ASN A 183 28.44 3.96 3.44
C ASN A 183 29.33 3.99 4.68
N TYR A 184 29.05 4.94 5.57
CA TYR A 184 29.92 5.18 6.71
C TYR A 184 29.48 4.36 7.92
N GLN A 185 30.23 4.51 9.02
CA GLN A 185 30.04 3.69 10.20
C GLN A 185 28.92 4.25 11.08
N GLU A 186 28.63 3.55 12.17
CA GLU A 186 27.60 3.99 13.10
C GLU A 186 28.07 5.20 13.88
N ASN A 187 27.16 6.16 14.07
CA ASN A 187 27.44 7.41 14.79
C ASN A 187 28.58 8.18 14.12
N THR A 188 28.49 8.28 12.80
CA THR A 188 29.46 9.03 12.00
C THR A 188 28.69 9.68 10.84
N VAL A 189 29.39 9.96 9.74
CA VAL A 189 28.91 10.65 8.54
C VAL A 189 28.04 11.86 8.87
N SER A 190 28.54 12.69 9.80
CA SER A 190 27.93 13.99 10.09
C SER A 190 26.47 13.85 10.46
N SER A 191 26.19 12.93 11.39
CA SER A 191 24.82 12.68 11.80
C SER A 191 24.24 13.89 12.49
N SER A 192 23.19 14.46 11.91
CA SER A 192 22.53 15.62 12.46
C SER A 192 21.12 15.69 11.89
N GLN A 193 20.30 16.55 12.50
CA GLN A 193 18.92 16.76 12.08
C GLN A 193 18.16 15.44 12.03
N PHE A 194 17.93 14.89 13.22
CA PHE A 194 17.22 13.63 13.37
C PHE A 194 15.89 13.66 12.63
N GLN A 195 15.66 12.65 11.81
CA GLN A 195 14.42 12.54 11.03
C GLN A 195 13.70 11.26 11.43
N ASP A 196 12.37 11.32 11.45
CA ASP A 196 11.54 10.19 11.80
C ASP A 196 11.47 9.21 10.63
N GLU A 197 10.98 8.00 10.93
CA GLU A 197 10.79 7.02 9.86
C GLU A 197 9.62 7.38 8.96
N ALA A 198 8.66 8.16 9.48
CA ALA A 198 7.53 8.60 8.66
C ALA A 198 8.00 9.64 7.65
N LEU A 199 7.36 9.63 6.49
CA LEU A 199 7.77 10.43 5.35
C LEU A 199 6.76 11.53 5.04
N ASN A 200 7.30 12.66 4.59
CA ASN A 200 6.52 13.78 4.08
C ASN A 200 6.13 13.52 2.63
N ILE A 201 5.08 14.20 2.17
CA ILE A 201 4.72 14.11 0.75
C ILE A 201 5.81 14.74 -0.10
N ASN A 202 6.53 15.72 0.44
CA ASN A 202 7.73 16.22 -0.24
C ASN A 202 8.86 15.20 -0.17
N GLN A 203 9.08 14.63 1.01
CA GLN A 203 10.10 13.59 1.16
C GLN A 203 9.81 12.40 0.25
N LEU A 204 8.53 12.07 0.07
CA LEU A 204 8.18 10.91 -0.75
C LEU A 204 8.38 11.19 -2.22
N LYS A 205 7.98 12.38 -2.69
CA LYS A 205 8.20 12.72 -4.09
C LYS A 205 9.69 12.81 -4.43
N SER A 206 10.55 12.97 -3.42
CA SER A 206 11.99 12.94 -3.66
C SER A 206 12.51 11.50 -3.78
N PHE A 207 11.89 10.55 -3.07
CA PHE A 207 12.29 9.16 -3.20
C PHE A 207 11.97 8.64 -4.60
N TYR A 208 10.75 8.88 -5.07
CA TYR A 208 10.38 8.45 -6.41
C TYR A 208 11.30 9.04 -7.46
N ARG A 209 11.73 10.28 -7.25
CA ARG A 209 12.54 11.02 -8.22
C ARG A 209 13.89 10.37 -8.47
N ILE A 210 14.18 9.24 -7.81
CA ILE A 210 15.48 8.61 -7.94
C ILE A 210 15.34 7.14 -8.32
N THR A 211 14.30 6.46 -7.81
CA THR A 211 14.11 5.07 -8.21
C THR A 211 13.34 4.95 -9.52
N GLN A 212 12.36 5.82 -9.75
CA GLN A 212 11.70 5.89 -11.05
C GLN A 212 12.55 6.60 -12.09
N SER A 213 13.58 7.32 -11.67
CA SER A 213 14.49 8.00 -12.58
C SER A 213 15.77 7.18 -12.76
N ALA A 214 15.59 5.93 -13.18
CA ALA A 214 16.71 5.08 -13.52
C ALA A 214 17.20 5.45 -14.92
N ALA A 215 18.06 4.61 -15.51
CA ALA A 215 18.53 4.86 -16.86
C ALA A 215 17.36 4.78 -17.85
N SER A 216 17.66 5.10 -19.11
CA SER A 216 16.65 5.07 -20.16
C SER A 216 16.00 3.69 -20.23
N LEU A 217 14.70 3.63 -19.92
CA LEU A 217 13.94 2.40 -19.96
C LEU A 217 13.07 2.28 -21.21
N GLN A 218 13.11 3.27 -22.09
CA GLN A 218 12.29 3.25 -23.31
C GLN A 218 12.79 2.26 -24.34
N ASN A 219 13.92 1.61 -24.10
CA ASN A 219 14.49 0.65 -25.05
C ASN A 219 14.26 -0.79 -24.65
N LEU A 220 13.35 -1.04 -23.70
CA LEU A 220 13.01 -2.40 -23.37
C LEU A 220 12.29 -3.06 -24.53
N PRO A 221 12.68 -4.26 -24.94
CA PRO A 221 12.04 -4.90 -26.09
C PRO A 221 10.58 -5.23 -25.83
N GLU A 222 9.83 -5.32 -26.93
CA GLU A 222 8.40 -5.57 -26.88
C GLU A 222 8.13 -7.04 -27.22
N THR A 223 7.54 -7.76 -26.26
CA THR A 223 7.13 -9.14 -26.47
C THR A 223 5.63 -9.17 -26.66
N THR A 224 5.19 -9.63 -27.84
CA THR A 224 3.76 -9.69 -28.16
C THR A 224 3.26 -11.10 -27.98
N PRO A 225 2.29 -11.34 -27.08
CA PRO A 225 1.75 -12.69 -26.91
C PRO A 225 0.83 -13.05 -28.07
N ASP A 226 1.03 -14.25 -28.61
CA ASP A 226 0.23 -14.67 -29.76
C ASP A 226 -1.24 -14.83 -29.37
N GLU A 227 -2.12 -14.55 -30.33
CA GLU A 227 -3.56 -14.58 -30.09
C GLU A 227 -4.10 -15.99 -29.87
N SER A 228 -3.26 -17.02 -29.99
CA SER A 228 -3.71 -18.38 -29.70
C SER A 228 -3.95 -18.58 -28.21
N LEU A 229 -3.19 -17.89 -27.36
CA LEU A 229 -3.30 -18.02 -25.91
C LEU A 229 -3.81 -16.78 -25.20
N PHE A 230 -3.97 -15.66 -25.90
CA PHE A 230 -4.25 -14.37 -25.26
C PHE A 230 -5.03 -13.51 -26.23
N LYS A 231 -6.16 -12.97 -25.77
CA LYS A 231 -7.11 -12.29 -26.64
C LYS A 231 -7.28 -10.82 -26.26
N LEU A 232 -6.21 -10.16 -25.87
CA LEU A 232 -6.21 -8.72 -25.64
C LEU A 232 -5.06 -8.09 -26.41
N GLN A 233 -5.12 -6.77 -26.56
CA GLN A 233 -4.13 -6.00 -27.30
C GLN A 233 -3.32 -5.18 -26.30
N LEU A 234 -2.08 -5.58 -26.07
CA LEU A 234 -1.21 -4.87 -25.15
C LEU A 234 -0.74 -3.56 -25.77
N ARG A 235 -0.52 -2.57 -24.91
CA ARG A 235 0.08 -1.31 -25.35
C ARG A 235 1.57 -1.50 -25.60
N ARG A 236 2.21 -0.44 -26.09
CA ARG A 236 3.65 -0.48 -26.33
C ARG A 236 4.41 -0.69 -25.02
N TYR A 237 4.00 -0.02 -23.95
CA TYR A 237 4.66 -0.19 -22.67
C TYR A 237 4.29 -1.52 -22.02
N GLN A 238 3.09 -2.04 -22.31
CA GLN A 238 2.70 -3.33 -21.74
C GLN A 238 3.50 -4.48 -22.35
N LYS A 239 3.82 -4.38 -23.64
CA LYS A 239 4.70 -5.37 -24.25
C LYS A 239 6.12 -5.28 -23.71
N GLN A 240 6.53 -4.11 -23.20
CA GLN A 240 7.84 -3.97 -22.59
C GLN A 240 7.88 -4.61 -21.21
N SER A 241 6.84 -4.39 -20.41
CA SER A 241 6.80 -4.98 -19.07
C SER A 241 6.72 -6.49 -19.14
N LEU A 242 6.00 -7.02 -20.13
CA LEU A 242 5.94 -8.47 -20.31
C LEU A 242 7.33 -9.03 -20.60
N SER A 243 8.04 -8.42 -21.55
CA SER A 243 9.40 -8.87 -21.86
C SER A 243 10.31 -8.75 -20.64
N TRP A 244 10.14 -7.68 -19.86
CA TRP A 244 10.95 -7.52 -18.65
C TRP A 244 10.55 -8.54 -17.58
N MET A 245 9.25 -8.76 -17.39
CA MET A 245 8.81 -9.75 -16.41
C MET A 245 9.26 -11.15 -16.80
N LEU A 246 9.17 -11.49 -18.09
CA LEU A 246 9.70 -12.77 -18.55
C LEU A 246 11.20 -12.85 -18.32
N LYS A 247 11.92 -11.74 -18.55
CA LYS A 247 13.35 -11.71 -18.25
C LYS A 247 13.59 -11.93 -16.76
N ARG A 248 12.73 -11.37 -15.91
CA ARG A 248 12.92 -11.52 -14.47
C ARG A 248 12.69 -12.96 -14.02
N GLU A 249 11.81 -13.68 -14.69
CA GLU A 249 11.62 -15.10 -14.44
C GLU A 249 12.57 -15.97 -15.26
N TYR A 250 13.48 -15.35 -16.02
CA TYR A 250 14.47 -16.06 -16.83
C TYR A 250 13.80 -16.93 -17.89
N GLU A 251 12.59 -16.54 -18.28
CA GLU A 251 11.85 -17.23 -19.33
C GLU A 251 12.38 -16.72 -20.67
N TYR A 252 13.54 -17.22 -21.06
CA TYR A 252 14.16 -16.84 -22.31
C TYR A 252 13.52 -17.53 -23.51
N SER A 253 12.66 -18.52 -23.30
CA SER A 253 12.00 -19.22 -24.39
C SER A 253 10.88 -18.42 -25.03
N HIS A 254 10.55 -17.23 -24.49
CA HIS A 254 9.48 -16.40 -25.03
C HIS A 254 9.98 -15.02 -25.44
N LEU A 255 11.27 -14.88 -25.70
CA LEU A 255 11.87 -13.62 -26.12
C LEU A 255 12.56 -13.79 -27.45
N SER A 256 12.65 -12.69 -28.22
CA SER A 256 13.18 -12.74 -29.57
C SER A 256 14.63 -12.25 -29.58
N GLU A 257 15.50 -13.08 -29.02
CA GLU A 257 16.93 -12.79 -28.88
C GLU A 257 17.16 -11.44 -28.19
N LYS A 258 16.72 -11.39 -26.93
CA LYS A 258 16.81 -10.15 -26.15
C LYS A 258 17.84 -10.24 -25.02
N MET A 269 28.63 -3.10 -13.34
CA MET A 269 28.10 -4.39 -12.92
C MET A 269 28.05 -4.50 -11.40
N ASN A 270 26.99 -5.13 -10.90
CA ASN A 270 26.76 -5.36 -9.49
C ASN A 270 26.87 -4.05 -8.71
N PRO A 271 25.83 -3.19 -8.77
CA PRO A 271 25.93 -1.84 -8.22
C PRO A 271 26.41 -1.75 -6.78
N LEU A 272 26.33 -2.84 -6.00
CA LEU A 272 26.74 -2.75 -4.60
C LEU A 272 28.24 -2.97 -4.43
N TRP A 273 28.82 -3.86 -5.24
CA TRP A 273 30.25 -4.07 -5.20
C TRP A 273 30.98 -2.90 -5.86
N LYS A 274 32.24 -2.69 -5.44
CA LYS A 274 33.05 -1.63 -6.00
C LYS A 274 34.50 -2.11 -6.11
N LYS A 275 35.23 -1.48 -7.03
CA LYS A 275 36.56 -1.93 -7.43
C LYS A 275 37.61 -1.08 -6.73
N PHE A 276 38.50 -1.74 -6.00
CA PHE A 276 39.57 -1.09 -5.26
C PHE A 276 40.91 -1.36 -5.95
N ARG A 277 41.97 -0.75 -5.42
CA ARG A 277 43.30 -0.90 -5.99
C ARG A 277 44.32 -1.15 -4.89
N TRP A 278 45.16 -2.16 -5.11
CA TRP A 278 46.20 -2.48 -4.14
C TRP A 278 47.26 -1.39 -4.11
N PRO A 279 48.00 -1.28 -3.00
CA PRO A 279 49.14 -0.37 -2.98
C PRO A 279 50.43 -1.07 -3.39
N SER A 280 51.54 -0.33 -3.41
CA SER A 280 52.77 -0.89 -3.97
C SER A 280 54.01 -0.60 -3.13
N ASN A 281 53.85 -0.32 -1.83
CA ASN A 281 54.98 -0.03 -0.96
C ASN A 281 55.05 -1.05 0.18
N SER A 282 56.26 -1.57 0.42
CA SER A 282 56.50 -2.54 1.50
C SER A 282 55.49 -3.69 1.51
N ASP A 292 47.82 -9.50 -10.03
CA ASP A 292 46.97 -8.46 -10.61
C ASP A 292 47.16 -7.14 -9.86
N CYS A 293 46.64 -6.05 -10.43
CA CYS A 293 46.75 -4.73 -9.85
C CYS A 293 45.46 -4.26 -9.19
N PHE A 294 44.44 -5.11 -9.11
CA PHE A 294 43.16 -4.70 -8.57
C PHE A 294 42.53 -5.85 -7.77
N PHE A 295 41.66 -5.46 -6.84
CA PHE A 295 40.81 -6.41 -6.14
C PHE A 295 39.44 -5.77 -5.91
N TYR A 296 38.43 -6.61 -5.73
CA TYR A 296 37.05 -6.17 -5.59
C TYR A 296 36.53 -6.55 -4.21
N ALA A 297 35.60 -5.73 -3.70
CA ALA A 297 35.05 -5.95 -2.38
C ALA A 297 33.64 -5.39 -2.32
N ASN A 298 32.87 -5.86 -1.34
CA ASN A 298 31.56 -5.32 -1.01
C ASN A 298 31.60 -4.99 0.48
N LEU A 299 31.88 -3.72 0.80
CA LEU A 299 31.99 -3.30 2.19
C LEU A 299 30.70 -3.48 2.97
N TYR A 300 29.58 -3.72 2.28
CA TYR A 300 28.31 -3.89 2.97
C TYR A 300 28.24 -5.24 3.69
N THR A 301 28.84 -6.28 3.10
CA THR A 301 28.81 -7.61 3.70
C THR A 301 30.18 -8.09 4.15
N GLY A 302 31.25 -7.36 3.85
CA GLY A 302 32.59 -7.78 4.19
C GLY A 302 33.17 -8.82 3.26
N GLU A 303 32.60 -9.00 2.08
CA GLU A 303 33.03 -10.04 1.16
C GLU A 303 34.05 -9.48 0.17
N PHE A 304 35.09 -10.26 -0.11
CA PHE A 304 36.15 -9.89 -1.03
C PHE A 304 36.32 -10.97 -2.09
N SER A 305 36.82 -10.57 -3.25
CA SER A 305 36.98 -11.51 -4.36
C SER A 305 38.15 -11.07 -5.23
N ILE A 306 39.03 -12.02 -5.57
CA ILE A 306 40.23 -11.69 -6.33
C ILE A 306 39.87 -11.34 -7.76
N GLU A 307 38.83 -11.97 -8.31
CA GLU A 307 38.32 -11.67 -9.63
C GLU A 307 37.02 -10.88 -9.51
N LYS A 308 36.65 -10.24 -10.61
CA LYS A 308 35.43 -9.42 -10.65
C LYS A 308 34.20 -10.30 -10.47
N PRO A 309 33.47 -10.19 -9.36
CA PRO A 309 32.32 -11.08 -9.14
C PRO A 309 31.08 -10.64 -9.91
N VAL A 310 30.89 -11.21 -11.10
CA VAL A 310 29.71 -10.89 -11.92
C VAL A 310 28.67 -11.96 -11.58
N ILE A 311 28.07 -11.81 -10.41
CA ILE A 311 26.98 -12.69 -9.98
C ILE A 311 25.69 -12.16 -10.58
N LYS A 312 25.05 -12.97 -11.42
CA LYS A 312 23.82 -12.55 -12.07
C LYS A 312 22.69 -12.38 -11.04
N THR A 313 21.58 -11.82 -11.50
CA THR A 313 20.40 -11.73 -10.67
C THR A 313 19.98 -13.12 -10.20
N ILE A 314 19.46 -13.19 -8.98
CA ILE A 314 19.26 -14.46 -8.29
C ILE A 314 17.77 -14.75 -8.09
N ILE A 315 17.00 -13.78 -7.60
CA ILE A 315 15.61 -14.04 -7.27
C ILE A 315 14.77 -14.08 -8.54
N ASN A 316 13.76 -14.94 -8.55
CA ASN A 316 12.83 -15.05 -9.68
C ASN A 316 11.67 -14.09 -9.45
N GLY A 317 11.42 -13.24 -10.44
CA GLY A 317 10.36 -12.27 -10.35
C GLY A 317 10.88 -10.87 -10.02
N GLY A 318 10.00 -10.09 -9.40
CA GLY A 318 10.41 -8.75 -8.98
C GLY A 318 9.21 -7.94 -8.54
N ILE A 319 9.40 -6.62 -8.50
CA ILE A 319 8.36 -5.66 -8.14
C ILE A 319 8.03 -4.85 -9.39
N LEU A 320 6.75 -4.84 -9.77
CA LEU A 320 6.27 -4.02 -10.88
C LEU A 320 5.52 -2.85 -10.26
N ALA A 321 6.20 -1.72 -10.13
CA ALA A 321 5.59 -0.49 -9.64
C ALA A 321 5.31 0.42 -10.83
N ASP A 322 4.07 0.87 -10.94
CA ASP A 322 3.68 1.72 -12.06
C ASP A 322 2.57 2.64 -11.59
N GLU A 323 2.60 3.88 -12.07
CA GLU A 323 1.49 4.78 -11.85
C GLU A 323 0.19 4.14 -12.33
N MET A 324 -0.86 4.28 -11.52
CA MET A 324 -2.15 3.71 -11.88
C MET A 324 -2.60 4.26 -13.23
N GLY A 325 -3.01 3.36 -14.11
CA GLY A 325 -3.32 3.72 -15.48
C GLY A 325 -2.35 3.20 -16.52
N LEU A 326 -1.45 2.29 -16.15
CA LEU A 326 -0.53 1.67 -17.09
C LEU A 326 -0.83 0.20 -17.32
N GLY A 327 -1.92 -0.32 -16.77
CA GLY A 327 -2.32 -1.69 -17.03
C GLY A 327 -1.44 -2.74 -16.39
N LYS A 328 -1.13 -2.57 -15.10
CA LYS A 328 -0.35 -3.57 -14.39
C LYS A 328 -1.08 -4.92 -14.36
N THR A 329 -2.39 -4.90 -14.13
CA THR A 329 -3.16 -6.13 -14.08
C THR A 329 -3.10 -6.88 -15.40
N ILE A 330 -3.21 -6.17 -16.52
CA ILE A 330 -3.19 -6.82 -17.83
C ILE A 330 -1.80 -7.38 -18.12
N SER A 331 -0.75 -6.68 -17.68
CA SER A 331 0.61 -7.18 -17.89
C SER A 331 0.84 -8.49 -17.12
N ALA A 332 0.35 -8.56 -15.88
CA ALA A 332 0.50 -9.78 -15.10
C ALA A 332 -0.24 -10.93 -15.76
N LEU A 333 -1.43 -10.68 -16.31
CA LEU A 333 -2.17 -11.73 -16.99
C LEU A 333 -1.45 -12.22 -18.23
N ALA A 334 -0.85 -11.30 -18.99
CA ALA A 334 -0.05 -11.71 -20.14
C ALA A 334 1.13 -12.57 -19.72
N LEU A 335 1.72 -12.29 -18.55
CA LEU A 335 2.78 -13.13 -18.02
C LEU A 335 2.28 -14.54 -17.75
N ILE A 336 1.09 -14.66 -17.15
CA ILE A 336 0.55 -15.97 -16.80
C ILE A 336 0.21 -16.76 -18.05
N CYS A 337 -0.45 -16.11 -19.02
CA CYS A 337 -0.82 -16.79 -20.26
C CYS A 337 0.39 -17.15 -21.12
N THR A 338 1.56 -16.59 -20.83
CA THR A 338 2.78 -16.94 -21.54
C THR A 338 3.52 -18.09 -20.87
N ALA A 339 3.64 -18.05 -19.54
CA ALA A 339 4.30 -19.11 -18.78
C ALA A 339 3.44 -19.40 -17.54
N SER A 340 2.68 -20.47 -17.61
CA SER A 340 1.79 -20.86 -16.52
C SER A 340 2.28 -22.07 -15.75
N TYR A 341 3.46 -22.61 -16.08
CA TYR A 341 3.98 -23.76 -15.34
C TYR A 341 5.48 -23.83 -15.52
N ASP A 342 6.12 -24.59 -14.63
CA ASP A 342 7.57 -24.79 -14.63
C ASP A 342 7.90 -25.91 -15.61
N GLU A 343 8.33 -25.53 -16.81
CA GLU A 343 8.65 -26.52 -17.83
C GLU A 343 9.84 -27.39 -17.41
N ALA A 344 10.83 -26.79 -16.76
CA ALA A 344 12.01 -27.54 -16.34
C ALA A 344 11.64 -28.63 -15.33
N HIS A 345 10.66 -28.36 -14.47
CA HIS A 345 10.24 -29.36 -13.49
C HIS A 345 9.46 -30.49 -14.17
N GLU A 346 8.63 -30.15 -15.15
CA GLU A 346 7.84 -31.16 -15.84
C GLU A 346 8.73 -32.17 -16.55
N LYS A 347 9.76 -31.68 -17.25
CA LYS A 347 10.68 -32.59 -17.91
C LYS A 347 11.51 -33.37 -16.90
N LYS A 348 11.82 -32.77 -15.74
CA LYS A 348 12.63 -33.44 -14.75
C LYS A 348 11.92 -34.65 -14.16
N ILE A 349 10.61 -34.55 -13.95
CA ILE A 349 9.89 -35.61 -13.25
C ILE A 349 9.58 -36.78 -14.17
N GLU A 350 9.47 -36.55 -15.48
CA GLU A 350 9.14 -37.62 -16.43
C GLU A 350 10.36 -38.21 -17.12
N SER A 351 11.43 -37.44 -17.32
CA SER A 351 12.63 -37.98 -17.94
C SER A 351 13.30 -39.02 -17.04
N THR A 352 13.12 -38.89 -15.73
CA THR A 352 13.69 -39.85 -14.79
C THR A 352 12.74 -40.09 -13.63
N ASP A 377 6.33 -34.98 -2.49
CA ASP A 377 6.55 -33.73 -3.22
C ASP A 377 5.43 -32.73 -2.92
N THR A 378 5.81 -31.47 -2.70
CA THR A 378 4.86 -30.42 -2.37
C THR A 378 4.98 -29.22 -3.30
N TYR A 379 5.51 -29.41 -4.50
CA TYR A 379 5.68 -28.32 -5.46
C TYR A 379 4.47 -28.26 -6.38
N ALA A 380 3.73 -27.16 -6.33
CA ALA A 380 2.65 -26.89 -7.28
C ALA A 380 3.26 -26.20 -8.49
N TYR A 381 3.82 -27.00 -9.40
CA TYR A 381 4.56 -26.49 -10.55
C TYR A 381 3.64 -25.98 -11.66
N ARG A 382 2.34 -25.92 -11.45
CA ARG A 382 1.40 -25.52 -12.49
C ARG A 382 0.39 -24.47 -12.04
N THR A 383 0.48 -23.98 -10.80
CA THR A 383 -0.52 -23.09 -10.25
C THR A 383 0.11 -21.75 -9.88
N THR A 384 -0.59 -20.66 -10.21
CA THR A 384 -0.15 -19.31 -9.90
C THR A 384 -1.12 -18.69 -8.91
N LEU A 385 -0.66 -18.46 -7.70
CA LEU A 385 -1.49 -17.85 -6.66
C LEU A 385 -1.45 -16.34 -6.78
N ILE A 386 -2.63 -15.72 -6.81
CA ILE A 386 -2.77 -14.27 -6.85
C ILE A 386 -3.47 -13.83 -5.58
N VAL A 387 -2.75 -13.14 -4.70
CA VAL A 387 -3.32 -12.58 -3.49
C VAL A 387 -3.71 -11.14 -3.79
N VAL A 388 -4.99 -10.81 -3.54
CA VAL A 388 -5.57 -9.56 -4.01
C VAL A 388 -6.56 -9.05 -2.98
N PRO A 389 -6.69 -7.72 -2.88
CA PRO A 389 -7.73 -7.15 -2.01
C PRO A 389 -9.10 -7.76 -2.23
N MET A 390 -9.93 -7.72 -1.17
CA MET A 390 -11.28 -8.26 -1.26
C MET A 390 -12.11 -7.52 -2.29
N SER A 391 -12.01 -6.19 -2.33
CA SER A 391 -12.80 -5.38 -3.24
C SER A 391 -12.44 -5.61 -4.70
N LEU A 392 -11.40 -6.38 -4.99
CA LEU A 392 -10.98 -6.68 -6.36
C LEU A 392 -10.97 -8.19 -6.62
N LEU A 393 -11.63 -8.97 -5.78
CA LEU A 393 -11.57 -10.43 -5.91
C LEU A 393 -12.30 -10.90 -7.17
N ASN A 394 -13.44 -10.27 -7.49
CA ASN A 394 -14.21 -10.69 -8.65
C ASN A 394 -13.69 -10.06 -9.94
N GLN A 395 -13.07 -8.89 -9.87
CA GLN A 395 -12.51 -8.28 -11.08
C GLN A 395 -11.37 -9.11 -11.64
N TRP A 396 -10.56 -9.71 -10.76
CA TRP A 396 -9.43 -10.50 -11.24
C TRP A 396 -9.91 -11.76 -11.97
N GLN A 397 -10.87 -12.47 -11.37
CA GLN A 397 -11.48 -13.59 -12.07
C GLN A 397 -12.07 -13.13 -13.40
N SER A 398 -12.72 -11.97 -13.42
CA SER A 398 -13.28 -11.43 -14.65
C SER A 398 -12.20 -11.12 -15.67
N GLU A 399 -11.21 -10.32 -15.28
CA GLU A 399 -10.19 -9.89 -16.22
C GLU A 399 -9.38 -11.06 -16.76
N PHE A 400 -9.22 -12.13 -15.97
CA PHE A 400 -8.55 -13.32 -16.48
C PHE A 400 -9.36 -13.97 -17.58
N GLU A 401 -10.67 -14.11 -17.37
CA GLU A 401 -11.51 -14.74 -18.38
C GLU A 401 -11.60 -13.91 -19.65
N LYS A 402 -11.55 -12.58 -19.51
CA LYS A 402 -11.58 -11.70 -20.68
C LYS A 402 -10.29 -11.78 -21.50
N ALA A 403 -9.20 -12.24 -20.89
CA ALA A 403 -7.90 -12.26 -21.55
C ALA A 403 -7.42 -13.64 -21.95
N ASN A 404 -7.77 -14.68 -21.20
CA ASN A 404 -7.27 -16.02 -21.48
C ASN A 404 -8.04 -16.65 -22.62
N LYS A 405 -7.30 -17.27 -23.54
CA LYS A 405 -7.87 -18.03 -24.65
C LYS A 405 -7.69 -19.53 -24.51
N ASP A 406 -6.59 -19.97 -23.91
CA ASP A 406 -6.34 -21.39 -23.72
C ASP A 406 -7.27 -21.94 -22.65
N LEU A 407 -8.27 -22.72 -23.08
CA LEU A 407 -9.22 -23.30 -22.14
C LEU A 407 -8.56 -24.31 -21.20
N LYS A 408 -7.43 -24.88 -21.58
CA LYS A 408 -6.79 -25.92 -20.78
C LYS A 408 -6.35 -25.39 -19.42
N LYS A 409 -6.05 -24.10 -19.32
CA LYS A 409 -5.62 -23.51 -18.05
C LYS A 409 -6.80 -22.77 -17.43
N ARG A 410 -7.25 -23.25 -16.27
CA ARG A 410 -8.43 -22.75 -15.59
C ARG A 410 -8.05 -21.85 -14.41
N CYS A 411 -8.99 -20.99 -14.03
CA CYS A 411 -8.78 -20.01 -12.98
C CYS A 411 -9.98 -20.02 -12.04
N GLU A 412 -9.70 -20.13 -10.74
CA GLU A 412 -10.74 -20.28 -9.73
C GLU A 412 -10.43 -19.38 -8.55
N ILE A 413 -11.48 -19.02 -7.82
CA ILE A 413 -11.37 -18.16 -6.64
C ILE A 413 -11.45 -19.03 -5.40
N TYR A 414 -10.42 -18.96 -4.55
CA TYR A 414 -10.43 -19.65 -3.27
C TYR A 414 -10.97 -18.70 -2.21
N TYR A 415 -12.20 -18.95 -1.78
CA TYR A 415 -12.88 -18.06 -0.84
C TYR A 415 -13.93 -18.86 -0.08
N GLY A 416 -14.02 -18.61 1.23
CA GLY A 416 -15.03 -19.27 2.04
C GLY A 416 -14.86 -20.76 2.16
N ASN A 417 -13.64 -21.26 2.09
CA ASN A 417 -13.34 -22.70 2.24
C ASN A 417 -14.11 -23.53 1.23
N ASN A 418 -14.22 -23.02 -0.01
CA ASN A 418 -14.95 -23.73 -1.05
C ASN A 418 -14.19 -24.95 -1.54
N ILE A 419 -12.86 -24.90 -1.53
CA ILE A 419 -12.02 -26.02 -1.94
C ILE A 419 -11.62 -26.77 -0.68
N LYS A 420 -12.07 -28.02 -0.57
CA LYS A 420 -11.90 -28.77 0.68
C LYS A 420 -10.44 -29.04 0.98
N ASP A 421 -9.73 -29.66 0.04
CA ASP A 421 -8.32 -30.02 0.20
C ASP A 421 -7.52 -29.30 -0.89
N LEU A 422 -7.27 -28.00 -0.67
CA LEU A 422 -6.56 -27.22 -1.68
C LEU A 422 -5.14 -27.73 -1.88
N ARG A 423 -4.51 -28.28 -0.83
CA ARG A 423 -3.21 -28.89 -1.00
C ARG A 423 -3.23 -29.96 -2.08
N ALA A 424 -4.17 -30.90 -1.97
CA ALA A 424 -4.28 -31.96 -2.97
C ALA A 424 -4.72 -31.41 -4.31
N TYR A 425 -5.47 -30.30 -4.32
CA TYR A 425 -5.97 -29.74 -5.56
C TYR A 425 -4.83 -29.20 -6.43
N VAL A 426 -3.99 -28.33 -5.86
CA VAL A 426 -2.93 -27.71 -6.64
C VAL A 426 -1.79 -28.68 -6.94
N LEU A 427 -1.66 -29.75 -6.16
CA LEU A 427 -0.66 -30.77 -6.45
C LEU A 427 -1.22 -31.89 -7.31
N GLY A 428 -2.54 -32.01 -7.40
CA GLY A 428 -3.17 -33.09 -8.13
C GLY A 428 -3.10 -32.90 -9.63
N PRO A 429 -3.60 -33.91 -10.36
CA PRO A 429 -3.51 -33.88 -11.82
C PRO A 429 -4.39 -32.81 -12.47
N ASN A 430 -5.47 -32.41 -11.81
CA ASN A 430 -6.34 -31.34 -12.30
C ASN A 430 -6.02 -30.00 -11.65
N ALA A 431 -4.74 -29.75 -11.37
CA ALA A 431 -4.33 -28.51 -10.72
C ALA A 431 -4.75 -27.32 -11.57
N PRO A 432 -5.43 -26.33 -11.01
CA PRO A 432 -5.77 -25.14 -11.79
C PRO A 432 -4.55 -24.27 -12.01
N SER A 433 -4.56 -23.54 -13.14
CA SER A 433 -3.39 -22.71 -13.45
C SER A 433 -3.33 -21.46 -12.60
N VAL A 434 -4.48 -20.95 -12.16
CA VAL A 434 -4.54 -19.71 -11.40
C VAL A 434 -5.52 -19.89 -10.24
N ILE A 435 -5.12 -19.44 -9.05
CA ILE A 435 -6.01 -19.39 -7.90
C ILE A 435 -5.95 -17.99 -7.33
N ILE A 436 -7.10 -17.35 -7.18
CA ILE A 436 -7.22 -16.00 -6.67
C ILE A 436 -7.83 -16.05 -5.28
N THR A 437 -7.26 -15.28 -4.35
CA THR A 437 -7.75 -15.28 -2.97
C THR A 437 -7.47 -13.91 -2.35
N THR A 438 -7.90 -13.76 -1.10
CA THR A 438 -7.85 -12.50 -0.37
C THR A 438 -6.75 -12.55 0.69
N TYR A 439 -6.12 -11.41 0.94
CA TYR A 439 -5.22 -11.27 2.07
C TYR A 439 -5.88 -11.76 3.36
N GLY A 440 -7.15 -11.40 3.55
CA GLY A 440 -7.87 -11.86 4.72
C GLY A 440 -7.98 -13.38 4.80
N ILE A 441 -8.01 -14.05 3.65
CA ILE A 441 -7.96 -15.51 3.66
C ILE A 441 -6.56 -15.98 4.02
N ILE A 442 -5.53 -15.36 3.43
CA ILE A 442 -4.16 -15.68 3.79
C ILE A 442 -3.92 -15.41 5.27
N GLN A 443 -4.48 -14.31 5.77
CA GLN A 443 -4.32 -13.97 7.19
C GLN A 443 -5.04 -14.97 8.08
N SER A 444 -6.28 -15.32 7.71
CA SER A 444 -7.09 -16.19 8.56
C SER A 444 -6.49 -17.58 8.67
N GLU A 445 -5.99 -18.13 7.56
CA GLU A 445 -5.45 -19.48 7.61
C GLU A 445 -4.09 -19.54 8.30
N TYR A 446 -3.34 -18.44 8.25
CA TYR A 446 -2.06 -18.38 8.96
C TYR A 446 -2.26 -18.40 10.46
N GLY A 447 -3.30 -17.73 10.95
CA GLY A 447 -3.48 -17.60 12.39
C GLY A 447 -3.87 -18.90 13.08
N ARG A 448 -4.79 -19.64 12.49
CA ARG A 448 -5.30 -20.87 13.10
C ARG A 448 -4.53 -22.11 12.66
N THR A 449 -3.38 -21.94 12.00
CA THR A 449 -2.55 -23.05 11.55
C THR A 449 -3.34 -23.99 10.64
N SER A 450 -3.74 -23.46 9.49
CA SER A 450 -4.58 -24.19 8.54
C SER A 450 -3.69 -25.09 7.69
N THR A 451 -3.71 -26.39 7.99
CA THR A 451 -2.95 -27.39 7.24
C THR A 451 -3.69 -27.89 6.00
N SER A 452 -4.81 -27.25 5.64
CA SER A 452 -5.57 -27.68 4.46
C SER A 452 -4.85 -27.31 3.17
N GLY A 453 -4.18 -26.15 3.15
CA GLY A 453 -3.48 -25.72 1.97
C GLY A 453 -2.83 -24.38 2.22
N LEU A 454 -2.37 -23.76 1.12
CA LEU A 454 -1.77 -22.44 1.12
C LEU A 454 -0.44 -22.36 1.87
N PHE A 455 -0.18 -23.32 2.76
CA PHE A 455 1.03 -23.28 3.58
C PHE A 455 1.76 -24.62 3.68
N ASN A 456 1.21 -25.70 3.14
CA ASN A 456 1.92 -26.96 2.98
C ASN A 456 2.25 -27.23 1.52
N VAL A 457 2.32 -26.16 0.72
CA VAL A 457 2.53 -26.25 -0.72
C VAL A 457 3.37 -25.07 -1.16
N VAL A 458 4.38 -25.33 -1.98
CA VAL A 458 5.21 -24.28 -2.58
C VAL A 458 4.64 -24.00 -3.96
N PHE A 459 4.09 -22.80 -4.14
CA PHE A 459 3.45 -22.45 -5.39
C PHE A 459 4.48 -22.21 -6.49
N PHE A 460 3.99 -22.16 -7.73
CA PHE A 460 4.85 -21.83 -8.85
C PHE A 460 5.10 -20.34 -8.94
N ARG A 461 4.05 -19.53 -8.78
CA ARG A 461 4.18 -18.08 -8.84
C ARG A 461 3.16 -17.44 -7.92
N ILE A 462 3.60 -16.53 -7.06
CA ILE A 462 2.73 -15.71 -6.24
C ILE A 462 2.76 -14.29 -6.78
N ILE A 463 1.58 -13.70 -6.95
CA ILE A 463 1.45 -12.33 -7.42
C ILE A 463 0.60 -11.57 -6.42
N LEU A 464 1.20 -10.57 -5.78
CA LEU A 464 0.51 -9.72 -4.82
C LEU A 464 0.03 -8.46 -5.53
N ASP A 465 -1.28 -8.24 -5.56
CA ASP A 465 -1.86 -7.03 -6.09
C ASP A 465 -2.06 -6.02 -4.98
N GLU A 466 -1.69 -4.77 -5.24
CA GLU A 466 -1.62 -3.73 -4.21
C GLU A 466 -0.78 -4.22 -3.03
N GLY A 467 0.45 -4.65 -3.35
CA GLY A 467 1.34 -5.29 -2.40
C GLY A 467 1.71 -4.43 -1.21
N HIS A 468 1.43 -3.13 -1.25
CA HIS A 468 1.69 -2.28 -0.09
C HIS A 468 0.77 -2.60 1.10
N THR A 469 0.02 -3.71 1.04
CA THR A 469 -0.76 -4.15 2.20
C THR A 469 0.13 -4.75 3.27
N ILE A 470 1.24 -5.37 2.87
CA ILE A 470 2.11 -6.07 3.80
C ILE A 470 3.17 -5.11 4.35
N ARG A 471 2.98 -3.82 4.13
CA ARG A 471 4.01 -2.84 4.46
C ARG A 471 4.24 -2.72 5.96
N ASN A 472 3.28 -3.12 6.79
CA ASN A 472 3.49 -3.16 8.23
C ASN A 472 4.05 -4.53 8.59
N ARG A 473 5.35 -4.58 8.91
CA ARG A 473 6.03 -5.84 9.18
C ARG A 473 5.39 -6.62 10.32
N SER A 474 4.70 -5.93 11.23
CA SER A 474 4.28 -6.51 12.49
C SER A 474 2.83 -6.98 12.50
N THR A 475 2.11 -6.89 11.39
CA THR A 475 0.71 -7.31 11.36
C THR A 475 0.61 -8.77 10.92
N ARG A 476 -0.46 -9.42 11.39
CA ARG A 476 -0.66 -10.83 11.05
C ARG A 476 -0.76 -11.04 9.54
N THR A 477 -1.25 -10.04 8.81
CA THR A 477 -1.38 -10.17 7.36
C THR A 477 -0.01 -10.22 6.68
N SER A 478 0.93 -9.38 7.11
CA SER A 478 2.27 -9.41 6.54
C SER A 478 2.97 -10.73 6.87
N LYS A 479 2.92 -11.13 8.13
CA LYS A 479 3.55 -12.39 8.54
C LYS A 479 2.99 -13.56 7.74
N ALA A 480 1.70 -13.51 7.40
CA ALA A 480 1.09 -14.57 6.59
C ALA A 480 1.67 -14.59 5.19
N VAL A 481 1.73 -13.44 4.54
CA VAL A 481 2.20 -13.38 3.16
C VAL A 481 3.65 -13.82 3.06
N ILE A 482 4.49 -13.37 4.01
CA ILE A 482 5.90 -13.73 3.98
C ILE A 482 6.08 -15.23 4.19
N ALA A 483 5.14 -15.87 4.88
CA ALA A 483 5.21 -17.31 5.09
C ALA A 483 4.87 -18.11 3.84
N LEU A 484 4.32 -17.48 2.81
CA LEU A 484 3.99 -18.19 1.59
C LEU A 484 5.26 -18.53 0.80
N ARG A 485 5.36 -19.77 0.35
CA ARG A 485 6.48 -20.22 -0.45
C ARG A 485 6.10 -20.27 -1.93
N SER A 486 7.01 -19.85 -2.79
CA SER A 486 6.81 -19.99 -4.23
C SER A 486 8.14 -19.85 -4.94
N SER A 487 8.20 -20.44 -6.14
CA SER A 487 9.41 -20.35 -6.95
C SER A 487 9.62 -18.96 -7.52
N ARG A 488 8.53 -18.26 -7.85
CA ARG A 488 8.59 -16.95 -8.47
C ARG A 488 7.62 -16.02 -7.77
N LYS A 489 8.10 -14.82 -7.41
CA LYS A 489 7.30 -13.87 -6.64
C LYS A 489 7.20 -12.55 -7.38
N TRP A 490 6.01 -11.95 -7.34
CA TRP A 490 5.76 -10.67 -7.98
C TRP A 490 4.99 -9.77 -7.04
N ILE A 491 5.29 -8.48 -7.09
CA ILE A 491 4.61 -7.47 -6.29
C ILE A 491 4.09 -6.41 -7.24
N LEU A 492 2.77 -6.34 -7.40
CA LEU A 492 2.13 -5.32 -8.22
C LEU A 492 1.59 -4.24 -7.28
N THR A 493 2.26 -3.09 -7.25
CA THR A 493 1.78 -1.97 -6.43
C THR A 493 2.13 -0.67 -7.14
N GLY A 494 1.14 0.23 -7.22
CA GLY A 494 1.40 1.55 -7.76
C GLY A 494 2.11 2.47 -6.80
N THR A 495 2.06 2.15 -5.50
CA THR A 495 2.68 2.96 -4.46
C THR A 495 3.39 2.04 -3.49
N PRO A 496 4.67 1.71 -3.75
CA PRO A 496 5.38 0.83 -2.82
C PRO A 496 5.62 1.44 -1.46
N ILE A 497 5.77 2.76 -1.38
CA ILE A 497 5.95 3.49 -0.13
C ILE A 497 4.69 4.29 0.13
N ILE A 498 4.06 4.08 1.28
CA ILE A 498 2.85 4.80 1.63
C ILE A 498 3.23 6.03 2.47
N ASN A 499 3.68 5.78 3.70
CA ASN A 499 4.05 6.89 4.58
C ASN A 499 5.30 6.60 5.39
N ARG A 500 6.00 5.49 5.15
CA ARG A 500 7.22 5.16 5.87
C ARG A 500 8.21 4.54 4.90
N LEU A 501 9.50 4.81 5.15
CA LEU A 501 10.54 4.30 4.27
C LEU A 501 10.66 2.79 4.36
N ASP A 502 10.52 2.24 5.57
CA ASP A 502 10.65 0.80 5.78
C ASP A 502 9.44 0.02 5.27
N ASP A 503 8.47 0.68 4.64
CA ASP A 503 7.43 -0.07 3.93
C ASP A 503 8.03 -0.91 2.81
N LEU A 504 9.21 -0.52 2.31
CA LEU A 504 9.90 -1.31 1.31
C LEU A 504 10.50 -2.59 1.87
N PHE A 505 10.73 -2.65 3.19
CA PHE A 505 11.43 -3.79 3.76
C PHE A 505 10.64 -5.07 3.57
N SER A 506 9.34 -5.04 3.91
CA SER A 506 8.52 -6.23 3.74
C SER A 506 8.40 -6.61 2.27
N LEU A 507 8.41 -5.63 1.36
CA LEU A 507 8.51 -5.94 -0.06
C LEU A 507 9.79 -6.71 -0.37
N VAL A 508 10.90 -6.31 0.27
CA VAL A 508 12.15 -7.05 0.11
C VAL A 508 12.08 -8.38 0.84
N GLN A 509 11.49 -8.39 2.03
CA GLN A 509 11.39 -9.62 2.80
C GLN A 509 10.54 -10.65 2.09
N PHE A 510 9.51 -10.19 1.37
CA PHE A 510 8.71 -11.11 0.55
C PHE A 510 9.56 -11.69 -0.58
N LEU A 511 10.21 -10.83 -1.36
CA LEU A 511 11.09 -11.30 -2.43
C LEU A 511 12.30 -12.04 -1.90
N ASN A 512 12.61 -11.91 -0.61
CA ASN A 512 13.73 -12.59 0.04
C ASN A 512 15.04 -12.24 -0.66
N LEU A 513 15.38 -10.96 -0.61
CA LEU A 513 16.61 -10.44 -1.21
C LEU A 513 17.70 -10.47 -0.15
N GLU A 514 18.46 -11.56 -0.12
CA GLU A 514 19.61 -11.63 0.77
C GLU A 514 20.62 -10.55 0.41
N PRO A 515 21.19 -9.85 1.40
CA PRO A 515 20.93 -10.00 2.83
C PRO A 515 19.92 -8.97 3.34
N TRP A 516 19.28 -8.27 2.40
CA TRP A 516 18.38 -7.19 2.77
C TRP A 516 17.04 -7.69 3.27
N SER A 517 16.71 -8.95 3.03
CA SER A 517 15.59 -9.58 3.72
C SER A 517 15.82 -9.57 5.22
N HIS A 518 17.07 -9.69 5.65
CA HIS A 518 17.40 -9.68 7.07
C HIS A 518 17.26 -8.26 7.61
N ILE A 519 16.58 -8.14 8.77
CA ILE A 519 16.23 -6.82 9.28
C ILE A 519 17.47 -6.07 9.77
N ASN A 520 18.43 -6.79 10.36
CA ASN A 520 19.63 -6.14 10.85
C ASN A 520 20.39 -5.44 9.73
N TYR A 521 20.47 -6.09 8.56
CA TYR A 521 21.09 -5.45 7.41
C TYR A 521 20.31 -4.22 6.97
N TRP A 522 19.00 -4.21 7.15
CA TRP A 522 18.20 -3.07 6.72
C TRP A 522 18.33 -1.91 7.70
N LYS A 523 18.24 -2.18 9.00
CA LYS A 523 18.29 -1.11 9.98
C LYS A 523 19.69 -0.54 10.15
N ARG A 524 20.72 -1.27 9.78
CA ARG A 524 22.08 -0.77 9.92
C ARG A 524 22.54 0.04 8.72
N TYR A 525 21.98 -0.21 7.54
CA TYR A 525 22.45 0.45 6.32
C TYR A 525 21.43 1.39 5.68
N VAL A 526 20.16 1.33 6.07
CA VAL A 526 19.12 2.17 5.49
C VAL A 526 18.34 2.93 6.57
N SER A 527 17.82 2.21 7.56
CA SER A 527 16.98 2.85 8.58
C SER A 527 17.79 3.84 9.41
N VAL A 528 18.81 3.34 10.11
CA VAL A 528 19.60 4.21 10.99
C VAL A 528 20.21 5.39 10.25
N PRO A 529 20.84 5.22 9.08
CA PRO A 529 21.34 6.42 8.37
C PRO A 529 20.24 7.39 7.99
N PHE A 530 19.06 6.88 7.62
CA PHE A 530 17.94 7.77 7.32
C PHE A 530 17.43 8.44 8.60
N GLU A 531 17.26 7.67 9.67
CA GLU A 531 16.74 8.21 10.91
C GLU A 531 17.69 9.24 11.53
N LYS A 532 18.96 9.24 11.13
CA LYS A 532 19.91 10.24 11.59
C LYS A 532 20.16 11.32 10.54
N GLY A 533 19.22 11.51 9.60
CA GLY A 533 19.27 12.61 8.67
C GLY A 533 20.12 12.39 7.45
N ASN A 534 20.99 11.38 7.43
CA ASN A 534 21.80 11.08 6.26
C ASN A 534 20.96 10.27 5.28
N TYR A 535 20.00 10.96 4.66
CA TYR A 535 18.98 10.30 3.85
C TYR A 535 19.50 9.91 2.47
N ALA A 536 20.29 10.78 1.82
CA ALA A 536 20.85 10.44 0.52
C ALA A 536 21.69 9.18 0.60
N GLN A 537 22.33 8.93 1.74
CA GLN A 537 23.06 7.69 1.94
C GLN A 537 22.12 6.50 1.86
N ALA A 538 20.97 6.57 2.53
CA ALA A 538 20.04 5.45 2.54
C ALA A 538 19.36 5.28 1.19
N PHE A 539 19.08 6.38 0.50
CA PHE A 539 18.41 6.29 -0.80
C PHE A 539 19.28 5.63 -1.84
N ASP A 540 20.60 5.83 -1.77
CA ASP A 540 21.51 5.13 -2.68
C ASP A 540 21.50 3.63 -2.41
N VAL A 541 21.45 3.22 -1.14
CA VAL A 541 21.39 1.80 -0.81
C VAL A 541 20.08 1.20 -1.29
N ILE A 542 18.96 1.88 -1.00
CA ILE A 542 17.66 1.42 -1.47
C ILE A 542 17.65 1.31 -2.99
N ASN A 543 18.06 2.38 -3.67
CA ASN A 543 18.08 2.37 -5.13
C ASN A 543 19.04 1.33 -5.70
N ALA A 544 20.02 0.89 -4.91
CA ALA A 544 20.97 -0.09 -5.41
C ALA A 544 20.39 -1.50 -5.39
N VAL A 545 19.59 -1.82 -4.37
CA VAL A 545 19.08 -3.18 -4.26
C VAL A 545 17.83 -3.38 -5.12
N LEU A 546 17.03 -2.34 -5.32
CA LEU A 546 15.77 -2.47 -6.03
C LEU A 546 15.90 -2.23 -7.53
N GLU A 547 16.94 -1.53 -7.97
CA GLU A 547 17.14 -1.27 -9.40
C GLU A 547 17.09 -2.54 -10.24
N PRO A 548 17.83 -3.62 -9.95
CA PRO A 548 17.76 -4.80 -10.81
C PRO A 548 16.44 -5.53 -10.74
N VAL A 549 15.61 -5.22 -9.75
CA VAL A 549 14.41 -5.99 -9.48
C VAL A 549 13.13 -5.18 -9.74
N LEU A 550 13.15 -3.88 -9.52
CA LEU A 550 11.97 -3.04 -9.69
C LEU A 550 11.99 -2.36 -11.07
N LEU A 551 10.83 -2.35 -11.71
CA LEU A 551 10.60 -1.59 -12.93
C LEU A 551 9.46 -0.61 -12.69
N ARG A 552 9.69 0.66 -13.03
CA ARG A 552 8.71 1.71 -12.76
C ARG A 552 8.64 2.67 -13.93
N ARG A 553 7.46 2.79 -14.51
CA ARG A 553 7.18 3.76 -15.57
C ARG A 553 6.09 4.70 -15.11
N THR A 554 6.05 5.87 -15.75
CA THR A 554 5.16 6.95 -15.36
C THR A 554 4.38 7.42 -16.58
N LYS A 555 3.09 7.72 -16.38
CA LYS A 555 2.28 8.25 -17.47
C LYS A 555 2.81 9.56 -18.03
N ASN A 556 3.67 10.25 -17.29
CA ASN A 556 4.31 11.47 -17.75
C ASN A 556 5.57 11.23 -18.58
N MET A 557 6.02 9.99 -18.68
CA MET A 557 7.25 9.69 -19.41
C MET A 557 7.02 9.82 -20.91
N LYS A 558 8.09 10.19 -21.63
CA LYS A 558 8.06 10.33 -23.07
C LYS A 558 8.58 9.05 -23.73
N ASP A 559 7.96 8.67 -24.84
CA ASP A 559 8.42 7.53 -25.61
C ASP A 559 9.56 7.95 -26.53
N VAL A 560 10.08 7.00 -27.31
CA VAL A 560 11.16 7.32 -28.23
C VAL A 560 10.64 8.19 -29.38
N ASP A 561 9.41 7.94 -29.82
CA ASP A 561 8.82 8.76 -30.88
C ASP A 561 8.61 10.20 -30.45
N GLY A 562 8.51 10.46 -29.16
CA GLY A 562 8.25 11.78 -28.65
C GLY A 562 6.87 11.99 -28.06
N LYS A 563 6.14 10.92 -27.75
CA LYS A 563 4.81 11.01 -27.18
C LYS A 563 4.80 10.53 -25.74
N PRO A 564 3.90 11.06 -24.90
CA PRO A 564 3.72 10.49 -23.57
C PRO A 564 3.23 9.06 -23.68
N LEU A 565 3.60 8.24 -22.69
CA LEU A 565 3.16 6.85 -22.67
C LEU A 565 1.65 6.76 -22.71
N VAL A 566 0.97 7.58 -21.91
CA VAL A 566 -0.49 7.60 -21.86
C VAL A 566 -0.96 9.01 -22.21
N SER A 567 -1.87 9.10 -23.17
CA SER A 567 -2.52 10.36 -23.50
C SER A 567 -3.65 10.59 -22.51
N LEU A 568 -3.45 11.50 -21.56
CA LEU A 568 -4.41 11.73 -20.49
C LEU A 568 -5.43 12.76 -20.94
N PRO A 569 -6.69 12.40 -21.12
CA PRO A 569 -7.72 13.39 -21.43
C PRO A 569 -8.01 14.25 -20.22
N PRO A 570 -8.62 15.42 -20.41
CA PRO A 570 -8.97 16.25 -19.24
C PRO A 570 -9.96 15.57 -18.29
N LYS A 571 -11.01 14.96 -18.82
CA LYS A 571 -12.00 14.30 -17.98
C LYS A 571 -12.64 13.14 -18.73
N GLU A 572 -13.15 12.19 -17.95
CA GLU A 572 -13.93 11.07 -18.45
C GLU A 572 -15.21 11.02 -17.61
N VAL A 573 -16.35 11.28 -18.24
CA VAL A 573 -17.64 11.34 -17.55
C VAL A 573 -18.46 10.12 -17.94
N ILE A 574 -19.01 9.44 -16.95
CA ILE A 574 -19.72 8.18 -17.14
C ILE A 574 -21.05 8.26 -16.41
N VAL A 575 -22.13 7.90 -17.09
CA VAL A 575 -23.45 7.84 -16.49
C VAL A 575 -23.69 6.43 -15.99
N GLU A 576 -23.98 6.28 -14.71
CA GLU A 576 -24.27 4.99 -14.10
C GLU A 576 -25.75 4.95 -13.74
N LYS A 577 -26.52 4.18 -14.51
CA LYS A 577 -27.95 4.05 -14.26
C LYS A 577 -28.20 3.09 -13.10
N LEU A 578 -29.03 3.52 -12.16
CA LEU A 578 -29.41 2.71 -11.01
C LEU A 578 -30.91 2.49 -11.01
N GLN A 579 -31.33 1.38 -10.42
CA GLN A 579 -32.74 1.04 -10.27
C GLN A 579 -33.12 1.15 -8.79
N LEU A 580 -34.29 1.71 -8.54
CA LEU A 580 -34.73 1.95 -7.17
C LEU A 580 -35.02 0.64 -6.45
N SER A 581 -34.93 0.70 -5.12
CA SER A 581 -35.28 -0.45 -4.31
C SER A 581 -36.78 -0.74 -4.41
N SER A 582 -37.17 -1.92 -3.92
CA SER A 582 -38.58 -2.29 -3.88
C SER A 582 -39.40 -1.23 -3.15
N SER A 583 -38.90 -0.77 -2.00
CA SER A 583 -39.61 0.25 -1.24
C SER A 583 -39.57 1.60 -1.93
N GLU A 584 -38.45 1.93 -2.58
CA GLU A 584 -38.32 3.24 -3.20
C GLU A 584 -39.22 3.39 -4.42
N LYS A 585 -39.53 2.29 -5.12
CA LYS A 585 -40.38 2.38 -6.29
C LYS A 585 -41.82 2.71 -5.90
N ARG A 586 -42.31 2.09 -4.83
CA ARG A 586 -43.68 2.34 -4.38
C ARG A 586 -43.86 3.80 -4.00
N VAL A 587 -42.83 4.42 -3.43
CA VAL A 587 -42.91 5.85 -3.10
C VAL A 587 -42.86 6.69 -4.36
N TYR A 588 -41.90 6.39 -5.25
CA TYR A 588 -41.78 7.15 -6.49
C TYR A 588 -43.03 7.03 -7.35
N GLN A 589 -43.68 5.87 -7.35
CA GLN A 589 -44.89 5.70 -8.14
C GLN A 589 -46.05 6.52 -7.56
N SER A 590 -46.12 6.61 -6.24
CA SER A 590 -47.16 7.43 -5.61
C SER A 590 -46.97 8.91 -5.94
N MET A 591 -45.72 9.40 -5.88
CA MET A 591 -45.47 10.79 -6.21
C MET A 591 -45.68 11.07 -7.70
N LEU A 592 -45.61 10.04 -8.54
CA LEU A 592 -45.84 10.25 -9.96
C LEU A 592 -47.33 10.43 -10.28
N GLU A 593 -48.20 9.76 -9.54
CA GLU A 593 -49.64 9.98 -9.69
C GLU A 593 -49.99 11.44 -9.44
N ASP A 594 -49.60 11.95 -8.27
CA ASP A 594 -49.86 13.36 -7.96
C ASP A 594 -49.27 14.29 -9.00
N ALA A 595 -48.13 13.92 -9.59
CA ALA A 595 -47.57 14.71 -10.68
C ALA A 595 -48.43 14.61 -11.93
N GLU A 596 -48.75 13.38 -12.35
CA GLU A 596 -49.58 13.21 -13.54
C GLU A 596 -50.98 13.79 -13.34
N ASN A 597 -51.53 13.66 -12.13
CA ASN A 597 -52.85 14.19 -11.86
C ASN A 597 -52.87 15.71 -11.95
N SER A 598 -51.80 16.37 -11.52
CA SER A 598 -51.72 17.82 -11.64
C SER A 598 -51.61 18.26 -13.09
N VAL A 599 -51.00 17.43 -13.94
CA VAL A 599 -50.97 17.72 -15.37
C VAL A 599 -52.36 17.58 -15.97
N LYS A 600 -53.09 16.55 -15.56
CA LYS A 600 -54.45 16.36 -16.07
C LYS A 600 -55.37 17.49 -15.65
N GLU A 601 -55.12 18.09 -14.49
CA GLU A 601 -55.95 19.20 -14.02
C GLU A 601 -55.78 20.42 -14.93
N GLY A 602 -54.54 20.89 -15.07
CA GLY A 602 -54.30 22.05 -15.90
C GLY A 602 -54.67 21.84 -17.36
N LEU A 603 -54.42 20.64 -17.87
CA LEU A 603 -54.76 20.34 -19.26
C LEU A 603 -56.28 20.27 -19.44
N ALA A 604 -57.02 19.86 -18.42
CA ALA A 604 -58.47 19.87 -18.48
C ALA A 604 -59.06 21.25 -18.23
N LYS A 605 -58.24 22.23 -17.86
CA LYS A 605 -58.69 23.61 -17.65
C LYS A 605 -58.34 24.51 -18.82
N GLY A 606 -57.94 23.94 -19.97
CA GLY A 606 -57.66 24.71 -21.16
C GLY A 606 -56.27 25.30 -21.25
N ASP A 607 -55.52 25.36 -20.16
CA ASP A 607 -54.19 25.94 -20.15
C ASP A 607 -53.31 25.13 -19.21
N LEU A 608 -52.29 24.47 -19.76
CA LEU A 608 -51.42 23.62 -18.94
C LEU A 608 -50.64 24.45 -17.92
N LEU A 609 -50.20 25.65 -18.31
CA LEU A 609 -49.36 26.46 -17.45
C LEU A 609 -50.10 27.00 -16.23
N LYS A 610 -51.41 26.82 -16.15
CA LYS A 610 -52.15 27.25 -14.97
C LYS A 610 -51.72 26.48 -13.72
N ASN A 611 -51.12 25.32 -13.88
CA ASN A 611 -50.58 24.54 -12.77
C ASN A 611 -49.07 24.40 -12.86
N TYR A 612 -48.40 25.36 -13.52
CA TYR A 612 -46.96 25.25 -13.75
C TYR A 612 -46.20 25.16 -12.44
N THR A 613 -46.53 26.05 -11.49
CA THR A 613 -45.87 25.98 -10.18
C THR A 613 -46.22 24.69 -9.45
N ASN A 614 -47.49 24.27 -9.53
CA ASN A 614 -47.91 23.04 -8.84
C ASN A 614 -47.29 21.81 -9.48
N ILE A 615 -46.98 21.86 -10.78
CA ILE A 615 -46.35 20.72 -11.44
C ILE A 615 -44.90 20.58 -11.01
N LEU A 616 -44.15 21.69 -11.04
CA LEU A 616 -42.74 21.64 -10.70
C LEU A 616 -42.52 21.19 -9.26
N VAL A 617 -43.50 21.43 -8.39
CA VAL A 617 -43.40 20.93 -7.01
C VAL A 617 -43.36 19.41 -6.99
N HIS A 618 -44.30 18.79 -7.71
CA HIS A 618 -44.33 17.32 -7.76
C HIS A 618 -43.12 16.76 -8.52
N ILE A 619 -42.68 17.46 -9.56
CA ILE A 619 -41.45 17.07 -10.25
C ILE A 619 -40.27 17.09 -9.28
N LEU A 620 -40.20 18.13 -8.44
CA LEU A 620 -39.14 18.22 -7.45
C LEU A 620 -39.18 17.05 -6.48
N ARG A 621 -40.38 16.72 -5.98
CA ARG A 621 -40.51 15.62 -5.03
C ARG A 621 -40.08 14.30 -5.66
N LEU A 622 -40.36 14.12 -6.96
CA LEU A 622 -39.86 12.95 -7.67
C LEU A 622 -38.33 12.94 -7.71
N ARG A 623 -37.72 14.11 -7.96
CA ARG A 623 -36.27 14.20 -7.97
C ARG A 623 -35.68 13.89 -6.61
N GLN A 624 -36.38 14.27 -5.54
CA GLN A 624 -35.89 13.99 -4.18
C GLN A 624 -35.97 12.51 -3.86
N VAL A 625 -37.05 11.84 -4.32
CA VAL A 625 -37.20 10.41 -4.09
C VAL A 625 -36.05 9.64 -4.71
N CYS A 626 -35.54 10.10 -5.86
CA CYS A 626 -34.41 9.43 -6.49
C CYS A 626 -33.17 9.50 -5.61
N CYS A 627 -32.92 10.63 -4.98
CA CYS A 627 -31.74 10.81 -4.14
C CYS A 627 -31.89 10.05 -2.82
N HIS A 628 -32.84 10.47 -1.99
CA HIS A 628 -33.09 9.81 -0.72
C HIS A 628 -34.48 10.17 -0.23
N LEU A 629 -35.22 9.18 0.25
CA LEU A 629 -36.60 9.39 0.66
C LEU A 629 -36.75 10.37 1.82
N ASP A 630 -35.72 10.53 2.65
CA ASP A 630 -35.82 11.42 3.79
C ASP A 630 -35.86 12.89 3.40
N LEU A 631 -35.71 13.21 2.11
CA LEU A 631 -35.79 14.59 1.64
C LEU A 631 -37.21 15.09 1.47
N LEU A 632 -38.21 14.30 1.88
CA LEU A 632 -39.61 14.66 1.71
C LEU A 632 -40.19 15.37 2.93
N LYS A 633 -39.95 14.84 4.13
CA LYS A 633 -40.44 15.47 5.35
C LYS A 633 -39.28 15.86 6.26
N PRO A 665 -36.80 5.27 13.36
CA PRO A 665 -35.66 6.03 13.88
C PRO A 665 -34.34 5.52 13.34
N LYS A 666 -33.35 6.41 13.21
CA LYS A 666 -32.05 6.05 12.68
C LYS A 666 -31.11 5.61 13.80
N SER A 667 -30.32 4.58 13.51
CA SER A 667 -29.35 4.09 14.48
C SER A 667 -28.19 5.07 14.61
N SER A 668 -27.67 5.19 15.84
CA SER A 668 -26.62 6.15 16.15
C SER A 668 -25.27 5.47 16.36
N ILE A 669 -25.07 4.29 15.81
CA ILE A 669 -23.83 3.53 15.98
C ILE A 669 -23.23 3.30 14.59
N SER A 670 -21.99 3.77 14.42
CA SER A 670 -21.29 3.57 13.16
C SER A 670 -20.70 2.16 13.10
N GLN A 671 -20.22 1.79 11.90
CA GLN A 671 -19.59 0.49 11.74
C GLN A 671 -18.31 0.37 12.54
N ASP A 672 -17.57 1.48 12.70
CA ASP A 672 -16.39 1.46 13.56
C ASP A 672 -16.76 1.10 14.99
N LYS A 673 -17.88 1.64 15.49
CA LYS A 673 -18.32 1.33 16.85
C LYS A 673 -18.75 -0.13 16.95
N LEU A 674 -19.48 -0.63 15.95
CA LEU A 674 -19.89 -2.03 15.96
C LEU A 674 -18.69 -2.96 16.02
N ASP A 675 -17.66 -2.67 15.22
CA ASP A 675 -16.43 -3.46 15.27
C ASP A 675 -15.83 -3.42 16.67
N ALA A 676 -15.87 -2.25 17.32
CA ALA A 676 -15.35 -2.14 18.68
C ALA A 676 -16.25 -2.87 19.67
N LEU A 677 -17.57 -2.77 19.49
CA LEU A 677 -18.49 -3.48 20.37
C LEU A 677 -18.39 -4.98 20.16
N SER A 678 -18.23 -5.42 18.91
CA SER A 678 -18.06 -6.84 18.65
C SER A 678 -16.76 -7.36 19.26
N ALA A 679 -15.70 -6.56 19.21
CA ALA A 679 -14.44 -6.94 19.82
C ALA A 679 -14.60 -7.15 21.33
N ASN A 680 -15.24 -6.19 22.00
CA ASN A 680 -15.49 -6.33 23.43
C ASN A 680 -16.36 -7.54 23.72
N PHE A 681 -17.39 -7.78 22.90
CA PHE A 681 -18.29 -8.89 23.14
C PHE A 681 -17.56 -10.22 23.05
N ARG A 682 -16.68 -10.37 22.06
CA ARG A 682 -15.87 -11.59 21.97
C ARG A 682 -14.87 -11.67 23.10
N ASP A 683 -14.46 -10.53 23.66
CA ASP A 683 -13.53 -10.55 24.79
C ASP A 683 -14.23 -10.98 26.07
N ILE A 684 -15.47 -10.54 26.26
CA ILE A 684 -16.23 -10.93 27.45
C ILE A 684 -16.57 -12.42 27.39
N HIS A 685 -17.14 -12.86 26.27
CA HIS A 685 -17.55 -14.26 26.09
C HIS A 685 -16.49 -14.95 25.24
N SER A 686 -15.48 -15.50 25.92
CA SER A 686 -14.37 -16.16 25.26
C SER A 686 -14.61 -17.67 25.23
N ALA A 687 -13.96 -18.32 24.25
CA ALA A 687 -14.05 -19.76 24.15
C ALA A 687 -13.35 -20.43 25.32
N SER A 688 -13.98 -21.48 25.85
CA SER A 688 -13.43 -22.24 26.95
C SER A 688 -13.83 -23.69 26.78
N GLU A 689 -13.51 -24.51 27.80
CA GLU A 689 -13.81 -25.94 27.74
C GLU A 689 -15.28 -26.20 27.46
N GLN A 690 -16.16 -25.38 28.04
CA GLN A 690 -17.59 -25.57 27.91
C GLN A 690 -18.17 -24.73 26.77
N LEU A 691 -19.39 -25.08 26.37
CA LEU A 691 -20.10 -24.34 25.34
C LEU A 691 -20.33 -22.89 25.79
N PRO A 692 -20.53 -21.98 24.85
CA PRO A 692 -20.82 -20.59 25.24
C PRO A 692 -22.27 -20.41 25.66
N SER A 693 -22.46 -19.63 26.73
CA SER A 693 -23.78 -19.39 27.29
C SER A 693 -23.96 -17.90 27.56
N PHE A 694 -25.21 -17.46 27.54
CA PHE A 694 -25.56 -16.06 27.73
C PHE A 694 -26.69 -15.96 28.75
N GLU A 695 -26.50 -15.12 29.76
CA GLU A 695 -27.53 -14.86 30.75
C GLU A 695 -28.49 -13.78 30.26
N CYS A 696 -29.60 -13.62 30.98
CA CYS A 696 -30.59 -12.61 30.67
C CYS A 696 -30.85 -11.77 31.92
N ALA A 697 -30.78 -10.44 31.78
CA ALA A 697 -30.83 -9.57 32.94
C ALA A 697 -32.20 -9.50 33.58
N ILE A 698 -33.24 -9.96 32.89
CA ILE A 698 -34.61 -9.84 33.39
C ILE A 698 -35.07 -11.12 34.08
N CYS A 699 -34.97 -12.26 33.41
CA CYS A 699 -35.46 -13.52 33.95
C CYS A 699 -34.36 -14.40 34.54
N THR A 700 -33.12 -13.91 34.58
CA THR A 700 -31.99 -14.63 35.17
C THR A 700 -31.78 -16.01 34.54
N THR A 701 -32.13 -16.15 33.26
CA THR A 701 -31.91 -17.41 32.56
C THR A 701 -30.42 -17.59 32.30
N GLU A 702 -29.85 -18.67 32.84
CA GLU A 702 -28.42 -18.91 32.68
C GLU A 702 -28.03 -19.14 31.22
N CYS A 703 -28.94 -19.67 30.41
CA CYS A 703 -28.63 -20.06 29.04
C CYS A 703 -29.79 -19.68 28.13
N ILE A 704 -29.57 -18.67 27.29
CA ILE A 704 -30.58 -18.23 26.33
C ILE A 704 -30.46 -19.09 25.08
N GLU A 705 -31.59 -19.65 24.64
CA GLU A 705 -31.65 -20.44 23.42
C GLU A 705 -32.83 -20.00 22.56
N PRO A 706 -32.65 -19.92 21.23
CA PRO A 706 -31.37 -20.14 20.54
C PRO A 706 -30.51 -18.89 20.57
N LEU A 707 -29.32 -18.95 19.94
CA LEU A 707 -28.48 -17.76 19.89
C LEU A 707 -29.10 -16.65 19.05
N SER A 708 -29.97 -16.98 18.11
CA SER A 708 -30.66 -15.97 17.32
C SER A 708 -31.71 -15.22 18.14
N ALA A 709 -32.04 -15.70 19.34
CA ALA A 709 -32.95 -15.01 20.24
C ALA A 709 -32.21 -14.14 21.25
N VAL A 710 -30.90 -14.02 21.14
CA VAL A 710 -30.12 -13.18 22.03
C VAL A 710 -30.27 -11.73 21.59
N SER A 711 -30.62 -10.86 22.55
CA SER A 711 -30.77 -9.42 22.30
C SER A 711 -29.74 -8.69 23.14
N ILE A 712 -28.82 -8.00 22.46
CA ILE A 712 -27.69 -7.35 23.10
C ILE A 712 -27.88 -5.84 23.01
N THR A 713 -27.78 -5.16 24.16
CA THR A 713 -28.02 -3.72 24.17
C THR A 713 -26.76 -2.98 23.75
N GLU A 714 -26.88 -1.65 23.71
CA GLU A 714 -25.78 -0.77 23.33
C GLU A 714 -24.58 -0.95 24.26
N CYS A 715 -24.80 -1.33 25.51
CA CYS A 715 -23.73 -1.46 26.48
C CYS A 715 -23.29 -2.91 26.67
N LEU A 716 -23.62 -3.78 25.71
CA LEU A 716 -23.16 -5.17 25.69
C LEU A 716 -23.72 -5.97 26.88
N HIS A 717 -25.03 -5.96 27.02
CA HIS A 717 -25.71 -6.77 28.03
C HIS A 717 -26.75 -7.65 27.36
N THR A 718 -26.72 -8.94 27.69
CA THR A 718 -27.49 -9.94 26.96
C THR A 718 -28.89 -10.06 27.53
N PHE A 719 -29.86 -10.19 26.63
CA PHE A 719 -31.26 -10.37 26.98
C PHE A 719 -31.88 -11.43 26.08
N CYS A 720 -32.98 -12.00 26.54
CA CYS A 720 -33.87 -12.73 25.65
C CYS A 720 -34.64 -11.72 24.82
N GLU A 721 -34.62 -11.88 23.50
CA GLU A 721 -35.30 -10.94 22.61
C GLU A 721 -36.74 -10.65 23.04
N PRO A 722 -37.55 -11.62 23.47
CA PRO A 722 -38.89 -11.25 23.97
C PRO A 722 -38.85 -10.48 25.27
N CYS A 723 -37.92 -10.80 26.18
CA CYS A 723 -37.88 -10.12 27.47
C CYS A 723 -37.56 -8.65 27.32
N LEU A 724 -36.55 -8.32 26.52
CA LEU A 724 -36.19 -6.92 26.32
C LEU A 724 -37.28 -6.17 25.56
N ALA A 725 -37.90 -6.83 24.58
CA ALA A 725 -38.98 -6.20 23.82
C ALA A 725 -40.19 -5.93 24.72
N GLU A 726 -40.51 -6.88 25.61
CA GLU A 726 -41.59 -6.65 26.56
C GLU A 726 -41.30 -5.43 27.44
N TYR A 727 -40.05 -5.26 27.85
CA TYR A 727 -39.68 -4.10 28.67
C TYR A 727 -39.87 -2.81 27.89
N ILE A 728 -39.39 -2.76 26.65
CA ILE A 728 -39.47 -1.53 25.87
C ILE A 728 -40.93 -1.19 25.56
N GLU A 729 -41.72 -2.20 25.20
CA GLU A 729 -43.14 -1.96 24.94
C GLU A 729 -43.85 -1.44 26.19
N PHE A 730 -43.53 -2.02 27.36
CA PHE A 730 -44.17 -1.60 28.59
C PHE A 730 -43.74 -0.18 28.98
N GLN A 731 -42.48 0.18 28.73
CA GLN A 731 -42.02 1.52 29.05
C GLN A 731 -42.47 2.56 28.03
N GLN A 732 -42.62 2.15 26.76
CA GLN A 732 -43.11 3.06 25.74
C GLN A 732 -44.61 3.30 25.85
N ASN A 733 -45.37 2.27 26.25
CA ASN A 733 -46.81 2.44 26.45
C ASN A 733 -47.11 3.39 27.59
N LYS A 734 -46.17 3.62 28.49
CA LYS A 734 -46.31 4.62 29.54
C LYS A 734 -45.46 5.85 29.29
N LYS A 735 -44.75 5.92 28.16
CA LYS A 735 -43.97 7.08 27.76
C LYS A 735 -42.94 7.46 28.84
N LEU A 736 -42.12 6.47 29.20
CA LEU A 736 -41.03 6.65 30.15
C LEU A 736 -39.71 6.39 29.46
N SER A 737 -38.66 7.07 29.94
CA SER A 737 -37.35 6.95 29.31
C SER A 737 -36.84 5.53 29.40
N ILE A 738 -36.29 5.04 28.29
CA ILE A 738 -35.82 3.65 28.20
C ILE A 738 -34.44 3.55 28.85
N ASN A 739 -34.30 2.60 29.77
CA ASN A 739 -33.01 2.34 30.41
C ASN A 739 -32.76 0.84 30.46
N CYS A 740 -31.48 0.49 30.53
CA CYS A 740 -31.14 -0.92 30.55
C CYS A 740 -31.56 -1.55 31.87
N PRO A 741 -32.27 -2.68 31.84
CA PRO A 741 -32.67 -3.33 33.09
C PRO A 741 -31.51 -3.74 33.97
N TYR A 742 -30.30 -3.82 33.44
CA TYR A 742 -29.17 -4.34 34.21
C TYR A 742 -28.36 -3.24 34.91
N CYS A 743 -28.07 -2.15 34.20
CA CYS A 743 -27.23 -1.11 34.77
C CYS A 743 -27.82 0.28 34.68
N ARG A 744 -29.02 0.45 34.10
CA ARG A 744 -29.74 1.71 34.12
C ARG A 744 -29.01 2.79 33.33
N MET A 745 -28.61 2.45 32.11
CA MET A 745 -27.99 3.41 31.22
C MET A 745 -28.93 3.71 30.05
N PRO A 746 -28.81 4.88 29.43
CA PRO A 746 -29.67 5.18 28.27
C PRO A 746 -29.45 4.20 27.13
N ILE A 747 -30.43 3.33 26.89
CA ILE A 747 -30.38 2.42 25.75
C ILE A 747 -31.46 2.86 24.76
N SER A 748 -31.04 3.17 23.55
CA SER A 748 -31.96 3.58 22.49
C SER A 748 -32.41 2.34 21.73
N GLU A 749 -33.70 2.32 21.38
CA GLU A 749 -34.27 1.14 20.74
C GLU A 749 -33.56 0.81 19.44
N ALA A 750 -33.15 1.84 18.69
CA ALA A 750 -32.43 1.60 17.45
C ALA A 750 -31.02 1.06 17.68
N ASN A 751 -30.52 1.15 18.91
CA ASN A 751 -29.19 0.66 19.25
C ASN A 751 -29.21 -0.77 19.78
N VAL A 752 -30.36 -1.43 19.80
CA VAL A 752 -30.40 -2.84 20.16
C VAL A 752 -29.64 -3.63 19.11
N LEU A 753 -28.83 -4.59 19.56
CA LEU A 753 -27.96 -5.35 18.68
C LEU A 753 -28.29 -6.83 18.76
N LYS A 754 -27.83 -7.57 17.76
CA LYS A 754 -27.98 -9.01 17.74
C LYS A 754 -26.76 -9.62 17.04
N LEU A 755 -26.60 -10.92 17.20
CA LEU A 755 -25.51 -11.64 16.56
C LEU A 755 -25.84 -11.88 15.09
N LYS A 756 -24.82 -11.74 14.25
CA LYS A 756 -24.99 -12.04 12.83
C LYS A 756 -25.20 -13.54 12.64
N GLU A 757 -26.17 -13.89 11.80
CA GLU A 757 -26.51 -15.29 11.55
C GLU A 757 -26.16 -15.66 10.12
N PRO A 758 -25.40 -16.75 9.91
CA PRO A 758 -24.85 -17.61 10.96
C PRO A 758 -23.60 -17.04 11.59
N ILE A 759 -23.04 -17.73 12.57
CA ILE A 759 -21.85 -17.28 13.27
C ILE A 759 -20.62 -17.81 12.52
N ASP A 760 -19.74 -16.91 12.09
CA ASP A 760 -18.53 -17.29 11.38
C ASP A 760 -17.55 -17.89 12.37
N ALA A 761 -17.10 -19.11 12.10
CA ALA A 761 -16.17 -19.79 13.01
C ALA A 761 -14.80 -19.13 12.99
N GLU A 762 -14.38 -18.57 11.86
CA GLU A 762 -13.07 -17.93 11.76
C GLU A 762 -13.06 -16.53 12.35
N ARG A 763 -14.22 -15.91 12.54
CA ARG A 763 -14.31 -14.53 12.98
C ARG A 763 -14.76 -14.37 14.42
N GLY A 764 -15.79 -15.10 14.83
CA GLY A 764 -16.38 -14.95 16.15
C GLY A 764 -17.72 -14.24 16.07
N TYR A 765 -18.20 -13.84 17.25
CA TYR A 765 -19.47 -13.10 17.31
C TYR A 765 -19.33 -11.76 16.59
N GLU A 766 -20.35 -11.41 15.82
CA GLU A 766 -20.42 -10.13 15.12
C GLU A 766 -21.69 -9.43 15.54
N LEU A 767 -21.56 -8.22 16.08
CA LEU A 767 -22.70 -7.43 16.49
C LEU A 767 -23.22 -6.63 15.30
N ILE A 768 -24.47 -6.86 14.93
CA ILE A 768 -25.15 -6.08 13.91
C ILE A 768 -26.40 -5.48 14.55
N SER A 769 -26.94 -4.45 13.90
CA SER A 769 -28.12 -3.77 14.42
C SER A 769 -29.32 -4.71 14.41
N PHE A 770 -30.12 -4.64 15.48
CA PHE A 770 -31.32 -5.47 15.57
C PHE A 770 -32.30 -5.11 14.46
N HIS A 771 -32.77 -3.87 14.45
CA HIS A 771 -33.58 -3.39 13.34
C HIS A 771 -32.67 -3.06 12.16
N SER A 772 -33.26 -3.09 10.96
CA SER A 772 -32.55 -2.68 9.77
C SER A 772 -32.86 -1.22 9.47
N HIS A 773 -31.89 -0.53 8.86
CA HIS A 773 -32.07 0.85 8.48
C HIS A 773 -32.00 0.97 6.95
N PHE A 774 -32.62 2.03 6.44
CA PHE A 774 -32.77 2.23 5.01
C PHE A 774 -31.60 3.04 4.45
N GLN A 775 -31.05 2.56 3.34
CA GLN A 775 -30.06 3.29 2.57
C GLN A 775 -30.60 3.48 1.15
N SER A 776 -30.56 4.71 0.66
CA SER A 776 -31.06 4.97 -0.68
C SER A 776 -30.19 4.29 -1.72
N THR A 777 -30.75 4.13 -2.93
CA THR A 777 -30.03 3.45 -4.00
C THR A 777 -28.76 4.18 -4.38
N LYS A 778 -28.78 5.51 -4.33
CA LYS A 778 -27.59 6.27 -4.73
C LYS A 778 -26.48 6.18 -3.69
N ILE A 779 -26.83 6.29 -2.40
CA ILE A 779 -25.82 6.16 -1.36
C ILE A 779 -25.25 4.74 -1.34
N LYS A 780 -26.09 3.74 -1.60
CA LYS A 780 -25.59 2.37 -1.71
C LYS A 780 -24.61 2.24 -2.86
N ALA A 781 -24.85 2.95 -3.97
CA ALA A 781 -23.95 2.86 -5.11
C ALA A 781 -22.65 3.62 -4.85
N LEU A 782 -22.74 4.80 -4.25
CA LEU A 782 -21.54 5.58 -3.95
C LEU A 782 -20.62 4.82 -3.01
N LEU A 783 -21.19 4.23 -1.95
CA LEU A 783 -20.39 3.40 -1.05
C LEU A 783 -19.75 2.24 -1.79
N ARG A 784 -20.46 1.69 -2.78
CA ARG A 784 -19.90 0.59 -3.57
C ARG A 784 -18.67 1.06 -4.34
N HIS A 785 -18.68 2.31 -4.82
CA HIS A 785 -17.50 2.87 -5.48
C HIS A 785 -16.38 3.14 -4.47
N LEU A 786 -16.72 3.82 -3.38
CA LEU A 786 -15.69 4.26 -2.43
C LEU A 786 -14.97 3.08 -1.81
N LYS A 787 -15.72 2.07 -1.37
CA LYS A 787 -15.11 0.87 -0.82
C LYS A 787 -14.12 0.22 -1.78
N GLN A 788 -14.27 0.48 -3.09
CA GLN A 788 -13.36 -0.05 -4.09
C GLN A 788 -12.19 0.89 -4.38
N ILE A 789 -12.40 2.21 -4.23
CA ILE A 789 -11.33 3.16 -4.49
C ILE A 789 -10.28 3.12 -3.39
N GLN A 790 -10.66 2.73 -2.18
CA GLN A 790 -9.70 2.62 -1.07
C GLN A 790 -8.50 1.78 -1.48
N GLU A 791 -8.76 0.59 -2.01
CA GLU A 791 -7.69 -0.30 -2.46
C GLU A 791 -7.22 -0.02 -3.88
N THR A 792 -8.05 0.61 -4.71
CA THR A 792 -7.66 0.90 -6.09
C THR A 792 -6.53 1.92 -6.13
N SER A 793 -6.69 3.02 -5.41
CA SER A 793 -5.77 4.16 -5.53
C SER A 793 -5.67 4.85 -4.17
N PRO A 794 -4.56 4.66 -3.45
CA PRO A 794 -4.40 5.34 -2.16
C PRO A 794 -4.26 6.84 -2.32
N GLY A 795 -4.74 7.57 -1.32
CA GLY A 795 -4.53 9.00 -1.23
C GLY A 795 -5.41 9.86 -2.10
N GLU A 796 -6.36 9.28 -2.83
CA GLU A 796 -7.12 10.04 -3.82
C GLU A 796 -8.10 11.00 -3.15
N GLN A 797 -8.19 12.20 -3.70
CA GLN A 797 -9.17 13.20 -3.28
C GLN A 797 -10.40 13.10 -4.17
N ILE A 798 -11.55 12.84 -3.57
CA ILE A 798 -12.80 12.67 -4.28
C ILE A 798 -13.73 13.81 -3.91
N ILE A 799 -14.46 14.32 -4.90
CA ILE A 799 -15.44 15.38 -4.70
C ILE A 799 -16.83 14.81 -4.97
N VAL A 800 -17.77 15.10 -4.08
CA VAL A 800 -19.15 14.62 -4.18
C VAL A 800 -20.06 15.83 -4.32
N PHE A 801 -20.72 15.94 -5.47
CA PHE A 801 -21.62 17.04 -5.78
C PHE A 801 -23.06 16.64 -5.55
N SER A 802 -23.83 17.54 -4.95
CA SER A 802 -25.29 17.43 -4.95
C SER A 802 -25.88 18.82 -4.88
N GLN A 803 -27.07 18.98 -5.47
CA GLN A 803 -27.74 20.27 -5.43
C GLN A 803 -28.53 20.47 -4.15
N PHE A 804 -29.02 19.38 -3.55
CA PHE A 804 -29.78 19.45 -2.31
C PHE A 804 -28.81 19.48 -1.13
N SER A 805 -28.89 20.53 -0.33
CA SER A 805 -28.00 20.65 0.83
C SER A 805 -28.30 19.58 1.87
N SER A 806 -29.58 19.31 2.11
CA SER A 806 -29.95 18.28 3.07
C SER A 806 -29.50 16.89 2.63
N PHE A 807 -29.38 16.67 1.32
CA PHE A 807 -28.82 15.41 0.83
C PHE A 807 -27.35 15.30 1.19
N LEU A 808 -26.62 16.42 1.13
CA LEU A 808 -25.23 16.41 1.56
C LEU A 808 -25.12 16.11 3.05
N ASP A 809 -26.05 16.65 3.85
CA ASP A 809 -26.08 16.31 5.27
C ASP A 809 -26.32 14.82 5.49
N ILE A 810 -27.22 14.24 4.69
CA ILE A 810 -27.46 12.80 4.78
C ILE A 810 -26.23 12.03 4.35
N LEU A 811 -25.60 12.46 3.26
CA LEU A 811 -24.42 11.76 2.75
C LEU A 811 -23.30 11.73 3.79
N GLU A 812 -23.05 12.87 4.45
CA GLU A 812 -22.02 12.92 5.47
C GLU A 812 -22.30 11.90 6.57
N ILE A 813 -23.54 11.84 7.05
CA ILE A 813 -23.88 10.93 8.14
C ILE A 813 -23.76 9.48 7.68
N GLU A 814 -24.22 9.18 6.47
CA GLU A 814 -24.21 7.80 5.99
C GLU A 814 -22.80 7.34 5.65
N LEU A 815 -22.00 8.21 5.02
CA LEU A 815 -20.65 7.84 4.64
C LEU A 815 -19.77 7.62 5.85
N ARG A 816 -19.86 8.51 6.85
CA ARG A 816 -19.06 8.34 8.06
C ARG A 816 -19.53 7.17 8.90
N SER A 817 -20.75 6.69 8.69
CA SER A 817 -21.26 5.55 9.43
C SER A 817 -20.87 4.22 8.81
N HIS A 818 -20.67 4.18 7.50
CA HIS A 818 -20.36 2.94 6.79
C HIS A 818 -18.91 2.85 6.32
N LEU A 819 -18.09 3.84 6.62
CA LEU A 819 -16.70 3.80 6.19
C LEU A 819 -15.77 3.96 7.38
N PRO A 820 -14.65 3.25 7.41
CA PRO A 820 -13.72 3.38 8.54
C PRO A 820 -13.09 4.75 8.59
N ARG A 821 -12.95 5.28 9.81
CA ARG A 821 -12.43 6.63 9.98
C ARG A 821 -10.95 6.72 9.60
N ASP A 822 -10.18 5.68 9.91
CA ASP A 822 -8.74 5.73 9.66
C ASP A 822 -8.40 5.52 8.20
N GLN A 823 -9.38 5.28 7.32
CA GLN A 823 -9.13 5.05 5.91
C GLN A 823 -9.92 5.97 4.99
N VAL A 824 -10.97 6.61 5.47
CA VAL A 824 -11.78 7.54 4.66
C VAL A 824 -12.10 8.75 5.52
N ILE A 825 -11.70 9.93 5.06
CA ILE A 825 -11.94 11.18 5.78
C ILE A 825 -12.94 12.00 4.97
N ILE A 826 -14.02 12.43 5.63
CA ILE A 826 -15.12 13.14 4.99
C ILE A 826 -15.04 14.61 5.37
N TYR A 827 -15.02 15.48 4.36
CA TYR A 827 -15.11 16.92 4.55
C TYR A 827 -16.39 17.42 3.88
N LYS A 828 -17.17 18.22 4.60
CA LYS A 828 -18.41 18.79 4.08
C LYS A 828 -18.35 20.31 4.17
N PHE A 829 -18.62 20.96 3.05
CA PHE A 829 -18.62 22.43 2.98
C PHE A 829 -20.00 22.92 3.36
N ASP A 830 -20.15 23.39 4.59
CA ASP A 830 -21.43 23.90 5.05
C ASP A 830 -21.84 25.15 4.28
N GLY A 831 -20.87 25.87 3.74
CA GLY A 831 -21.13 27.16 3.13
C GLY A 831 -21.67 28.23 4.06
N ARG A 832 -21.87 27.90 5.34
CA ARG A 832 -22.33 28.86 6.34
C ARG A 832 -21.29 29.07 7.42
N LEU A 833 -20.01 28.85 7.10
CA LEU A 833 -18.90 28.99 8.02
C LEU A 833 -18.04 30.17 7.61
N ASP A 834 -17.24 30.67 8.55
CA ASP A 834 -16.36 31.79 8.24
C ASP A 834 -15.31 31.36 7.22
N MET A 835 -14.77 32.34 6.50
CA MET A 835 -13.91 32.03 5.35
C MET A 835 -12.67 31.27 5.78
N LYS A 836 -12.13 31.57 6.97
CA LYS A 836 -10.91 30.93 7.41
C LYS A 836 -11.10 29.44 7.63
N GLU A 837 -12.28 29.02 8.11
CA GLU A 837 -12.53 27.61 8.30
C GLU A 837 -12.77 26.89 6.98
N ARG A 838 -13.46 27.56 6.04
CA ARG A 838 -13.68 26.97 4.72
C ARG A 838 -12.35 26.70 4.02
N THR A 839 -11.44 27.66 4.06
CA THR A 839 -10.11 27.44 3.48
C THR A 839 -9.31 26.44 4.31
N ARG A 840 -9.57 26.37 5.62
CA ARG A 840 -8.91 25.35 6.43
C ARG A 840 -9.39 23.96 6.06
N ILE A 841 -10.64 23.83 5.60
CA ILE A 841 -11.12 22.54 5.12
C ILE A 841 -10.42 22.17 3.81
N LEU A 842 -10.42 23.09 2.84
CA LEU A 842 -9.65 22.88 1.62
C LEU A 842 -8.17 22.67 1.94
N GLU A 843 -7.68 23.34 2.98
CA GLU A 843 -6.31 23.12 3.43
C GLU A 843 -6.08 21.66 3.77
N GLN A 844 -6.97 21.07 4.58
CA GLN A 844 -6.83 19.66 4.93
C GLN A 844 -7.24 18.74 3.80
N PHE A 845 -7.97 19.25 2.80
CA PHE A 845 -8.41 18.41 1.68
C PHE A 845 -7.31 18.25 0.64
N HIS A 846 -6.53 19.30 0.40
CA HIS A 846 -5.37 19.19 -0.49
C HIS A 846 -4.18 18.51 0.19
N ASP A 847 -4.32 18.11 1.45
CA ASP A 847 -3.24 17.45 2.18
C ASP A 847 -3.22 15.99 1.76
N LYS A 848 -2.40 15.67 0.76
CA LYS A 848 -2.30 14.32 0.25
C LYS A 848 -1.82 13.37 1.34
N ASP A 849 -2.62 12.34 1.63
CA ASP A 849 -2.30 11.32 2.62
C ASP A 849 -2.60 9.97 2.00
N LEU A 850 -1.55 9.24 1.60
CA LEU A 850 -1.73 7.95 0.95
C LEU A 850 -2.31 6.89 1.88
N SER A 851 -2.35 7.15 3.20
CA SER A 851 -2.92 6.20 4.14
C SER A 851 -4.45 6.22 4.15
N CYS A 852 -5.07 7.17 3.44
CA CYS A 852 -6.51 7.31 3.45
C CYS A 852 -6.95 7.91 2.12
N ILE A 853 -8.26 8.06 1.95
CA ILE A 853 -8.83 8.81 0.85
C ILE A 853 -9.72 9.90 1.45
N LYS A 854 -9.76 11.05 0.79
CA LYS A 854 -10.44 12.22 1.31
C LYS A 854 -11.61 12.60 0.41
N LEU A 855 -12.73 12.92 1.04
CA LEU A 855 -13.98 13.24 0.35
C LEU A 855 -14.38 14.66 0.68
N LEU A 856 -14.68 15.45 -0.37
CA LEU A 856 -15.18 16.81 -0.22
C LEU A 856 -16.63 16.82 -0.68
N LEU A 857 -17.55 16.98 0.28
CA LEU A 857 -18.97 17.11 -0.02
C LEU A 857 -19.30 18.60 -0.10
N LEU A 858 -19.56 19.09 -1.30
CA LEU A 858 -19.94 20.49 -1.48
C LEU A 858 -21.12 20.58 -2.44
N SER A 859 -21.81 21.72 -2.39
CA SER A 859 -23.05 21.91 -3.12
C SER A 859 -22.79 22.24 -4.59
N LEU A 860 -23.55 21.61 -5.47
CA LEU A 860 -23.45 21.91 -6.89
C LEU A 860 -23.94 23.31 -7.20
N LYS A 861 -24.83 23.85 -6.37
CA LYS A 861 -25.40 25.17 -6.62
C LYS A 861 -24.32 26.24 -6.65
N THR A 862 -23.62 26.41 -5.51
CA THR A 862 -22.51 27.36 -5.46
C THR A 862 -21.39 27.00 -6.41
N GLY A 863 -21.27 25.71 -6.77
CA GLY A 863 -20.20 25.30 -7.66
C GLY A 863 -18.85 25.38 -6.98
N GLY A 864 -17.81 25.53 -7.80
CA GLY A 864 -16.47 25.67 -7.28
C GLY A 864 -15.94 27.08 -7.44
N VAL A 865 -16.84 28.05 -7.50
CA VAL A 865 -16.44 29.45 -7.70
C VAL A 865 -15.58 29.88 -6.53
N GLY A 866 -14.32 30.20 -6.82
CA GLY A 866 -13.39 30.58 -5.77
C GLY A 866 -12.90 29.43 -4.93
N LEU A 867 -13.01 28.20 -5.43
CA LEU A 867 -12.57 27.01 -4.72
C LEU A 867 -11.57 26.26 -5.58
N ASN A 868 -10.36 26.08 -5.07
CA ASN A 868 -9.35 25.26 -5.74
C ASN A 868 -9.69 23.80 -5.50
N LEU A 869 -9.96 23.08 -6.58
CA LEU A 869 -10.32 21.67 -6.52
C LEU A 869 -9.40 20.83 -7.40
N THR A 870 -8.18 21.32 -7.65
CA THR A 870 -7.27 20.66 -8.56
C THR A 870 -6.78 19.31 -8.03
N CYS A 871 -6.68 19.18 -6.70
CA CYS A 871 -6.20 17.92 -6.13
C CYS A 871 -7.14 16.76 -6.41
N ALA A 872 -8.37 17.02 -6.82
CA ALA A 872 -9.35 15.97 -7.01
C ALA A 872 -9.05 15.17 -8.27
N SER A 873 -9.11 13.84 -8.14
CA SER A 873 -8.99 12.94 -9.28
C SER A 873 -10.31 12.34 -9.70
N ARG A 874 -11.33 12.38 -8.84
CA ARG A 874 -12.62 11.78 -9.11
C ARG A 874 -13.74 12.69 -8.65
N ALA A 875 -14.84 12.69 -9.39
CA ALA A 875 -16.02 13.47 -9.05
C ALA A 875 -17.24 12.55 -9.11
N PHE A 876 -18.19 12.79 -8.20
CA PHE A 876 -19.43 12.03 -8.15
C PHE A 876 -20.60 12.98 -8.18
N MET A 877 -21.41 12.90 -9.24
CA MET A 877 -22.59 13.75 -9.40
C MET A 877 -23.80 13.00 -8.88
N MET A 878 -24.31 13.41 -7.72
CA MET A 878 -25.40 12.69 -7.08
C MET A 878 -26.78 13.04 -7.63
N ASP A 879 -26.87 14.03 -8.53
CA ASP A 879 -28.16 14.44 -9.09
C ASP A 879 -27.96 15.38 -10.28
N PRO A 880 -28.87 15.36 -11.25
CA PRO A 880 -28.77 16.30 -12.37
C PRO A 880 -29.57 17.57 -12.10
N TRP A 881 -29.25 18.60 -12.90
CA TRP A 881 -29.89 19.90 -12.79
C TRP A 881 -30.36 20.36 -14.16
N TRP A 882 -31.22 21.39 -14.17
CA TRP A 882 -31.85 21.85 -15.40
C TRP A 882 -30.83 22.36 -16.39
N SER A 883 -29.75 22.94 -15.92
CA SER A 883 -28.76 23.50 -16.83
C SER A 883 -27.57 22.57 -16.95
N PRO A 884 -27.11 22.27 -18.16
CA PRO A 884 -25.85 21.53 -18.29
C PRO A 884 -24.64 22.37 -17.93
N GLY A 885 -24.75 23.69 -18.03
CA GLY A 885 -23.60 24.54 -17.79
C GLY A 885 -23.12 24.49 -16.35
N MET A 886 -24.05 24.46 -15.39
CA MET A 886 -23.64 24.45 -13.98
C MET A 886 -22.90 23.18 -13.62
N GLU A 887 -23.39 22.03 -14.09
CA GLU A 887 -22.70 20.77 -13.83
C GLU A 887 -21.35 20.71 -14.56
N ASP A 888 -21.34 21.10 -15.83
CA ASP A 888 -20.09 21.13 -16.58
C ASP A 888 -19.07 22.06 -15.93
N GLN A 889 -19.52 23.24 -15.49
CA GLN A 889 -18.60 24.21 -14.92
C GLN A 889 -17.97 23.69 -13.63
N ALA A 890 -18.75 22.96 -12.82
CA ALA A 890 -18.20 22.38 -11.60
C ALA A 890 -17.12 21.36 -11.91
N ILE A 891 -17.37 20.49 -12.88
CA ILE A 891 -16.40 19.46 -13.24
C ILE A 891 -15.16 20.10 -13.86
N ASP A 892 -15.34 21.15 -14.65
CA ASP A 892 -14.22 21.74 -15.39
C ASP A 892 -13.27 22.52 -14.49
N ARG A 893 -13.62 22.78 -13.25
CA ARG A 893 -12.71 23.46 -12.33
C ARG A 893 -11.80 22.49 -11.58
N ILE A 894 -11.94 21.19 -11.84
CA ILE A 894 -11.09 20.18 -11.22
C ILE A 894 -9.84 19.91 -12.05
N HIS A 895 -10.01 19.71 -13.36
CA HIS A 895 -8.90 19.39 -14.23
C HIS A 895 -8.22 20.66 -14.72
N ARG A 896 -6.89 20.68 -14.64
CA ARG A 896 -6.07 21.72 -15.23
C ARG A 896 -5.03 21.05 -16.11
N ILE A 897 -4.77 21.64 -17.28
CA ILE A 897 -3.84 21.05 -18.23
C ILE A 897 -2.47 20.90 -17.57
N GLY A 898 -1.84 19.76 -17.79
CA GLY A 898 -0.60 19.44 -17.11
C GLY A 898 -0.85 18.73 -15.80
N GLN A 899 -1.75 17.76 -15.82
CA GLN A 899 -2.12 16.99 -14.64
C GLN A 899 -1.68 15.54 -14.79
N GLN A 900 -1.42 14.91 -13.64
CA GLN A 900 -0.93 13.54 -13.62
C GLN A 900 -2.04 12.53 -13.86
N GLN A 901 -3.28 12.88 -13.53
CA GLN A 901 -4.40 11.95 -13.63
C GLN A 901 -5.60 12.65 -14.28
N THR A 902 -6.26 11.94 -15.18
CA THR A 902 -7.52 12.41 -15.72
C THR A 902 -8.59 12.37 -14.63
N VAL A 903 -9.57 13.26 -14.75
CA VAL A 903 -10.63 13.38 -13.75
C VAL A 903 -11.75 12.43 -14.13
N LYS A 904 -11.96 11.40 -13.31
CA LYS A 904 -12.99 10.40 -13.54
C LYS A 904 -14.27 10.84 -12.87
N VAL A 905 -15.32 11.05 -13.68
CA VAL A 905 -16.60 11.55 -13.20
C VAL A 905 -17.65 10.47 -13.40
N VAL A 906 -18.51 10.30 -12.39
CA VAL A 906 -19.61 9.34 -12.44
C VAL A 906 -20.90 10.07 -12.13
N ARG A 907 -21.90 9.94 -12.99
CA ARG A 907 -23.21 10.55 -12.80
C ARG A 907 -24.22 9.45 -12.46
N PHE A 908 -24.78 9.51 -11.27
CA PHE A 908 -25.79 8.55 -10.84
C PHE A 908 -27.16 9.02 -11.33
N ILE A 909 -27.81 8.20 -12.15
CA ILE A 909 -29.09 8.53 -12.74
C ILE A 909 -30.05 7.36 -12.50
N ILE A 910 -31.18 7.62 -11.86
CA ILE A 910 -32.16 6.59 -11.60
C ILE A 910 -32.86 6.23 -12.91
N ASP A 911 -32.81 4.96 -13.29
CA ASP A 911 -33.29 4.54 -14.60
C ASP A 911 -34.80 4.74 -14.71
N ASN A 912 -35.23 5.17 -15.90
CA ASN A 912 -36.65 5.39 -16.21
C ASN A 912 -37.31 6.30 -15.18
N SER A 913 -36.60 7.37 -14.81
CA SER A 913 -37.08 8.33 -13.82
C SER A 913 -36.97 9.74 -14.40
N VAL A 914 -37.34 10.73 -13.58
CA VAL A 914 -37.28 12.12 -14.01
C VAL A 914 -35.84 12.54 -14.28
N GLU A 915 -34.88 11.95 -13.56
CA GLU A 915 -33.48 12.31 -13.76
C GLU A 915 -33.04 11.96 -15.18
N GLU A 916 -33.45 10.81 -15.68
CA GLU A 916 -33.20 10.46 -17.07
C GLU A 916 -33.85 11.47 -18.01
N LYS A 917 -34.99 12.04 -17.62
CA LYS A 917 -35.64 13.06 -18.43
C LYS A 917 -34.87 14.37 -18.39
N MET A 918 -34.35 14.75 -17.22
CA MET A 918 -33.61 16.01 -17.11
C MET A 918 -32.33 15.98 -17.93
N LEU A 919 -31.70 14.80 -18.02
CA LEU A 919 -30.54 14.64 -18.89
C LEU A 919 -30.91 14.96 -20.34
N ARG A 920 -32.09 14.54 -20.78
CA ARG A 920 -32.54 14.86 -22.13
C ARG A 920 -32.83 16.34 -22.28
N ILE A 921 -33.22 17.02 -21.20
CA ILE A 921 -33.39 18.46 -21.26
C ILE A 921 -32.04 19.15 -21.39
N GLN A 922 -31.04 18.69 -20.63
CA GLN A 922 -29.69 19.23 -20.77
C GLN A 922 -29.17 19.05 -22.19
N GLU A 923 -29.36 17.85 -22.76
CA GLU A 923 -28.96 17.61 -24.13
C GLU A 923 -29.63 18.59 -25.08
N ARG A 924 -30.85 19.04 -24.76
CA ARG A 924 -31.50 20.07 -25.55
C ARG A 924 -30.80 21.41 -25.39
N LYS A 925 -30.53 21.80 -24.14
CA LYS A 925 -29.87 23.07 -23.88
C LYS A 925 -28.52 23.16 -24.61
N ARG A 926 -27.74 22.08 -24.57
CA ARG A 926 -26.46 22.08 -25.27
C ARG A 926 -26.64 22.28 -26.76
N MET A 927 -27.76 21.84 -27.32
CA MET A 927 -27.99 22.00 -28.75
C MET A 927 -28.37 23.43 -29.10
N LEU A 928 -29.18 24.07 -28.26
CA LEU A 928 -29.72 25.39 -28.55
C LEU A 928 -29.15 26.47 -27.64
N GLY A 929 -29.14 26.24 -26.34
CA GLY A 929 -28.68 27.24 -25.39
C GLY A 929 -29.49 27.18 -24.12
N ASP A 930 -28.99 27.83 -23.08
CA ASP A 930 -29.72 27.86 -21.81
C ASP A 930 -30.68 29.04 -21.75
N ILE A 931 -30.31 30.17 -22.36
CA ILE A 931 -31.16 31.35 -22.42
C ILE A 931 -31.22 31.76 -23.90
N VAL A 932 -32.22 31.27 -24.61
CA VAL A 932 -32.56 31.78 -25.93
C VAL A 932 -33.78 32.67 -25.74
N GLU A 933 -33.58 33.97 -25.89
CA GLU A 933 -34.61 34.93 -25.52
C GLU A 933 -35.81 34.84 -26.45
N GLY A 934 -36.85 35.60 -26.10
CA GLY A 934 -38.11 35.61 -26.80
C GLY A 934 -39.22 36.08 -25.90
N ASP A 935 -40.28 36.57 -26.53
CA ASP A 935 -41.42 37.09 -25.79
C ASP A 935 -42.14 35.95 -25.06
N GLU A 936 -43.21 36.31 -24.35
CA GLU A 936 -44.02 35.30 -23.67
C GLU A 936 -44.75 34.39 -24.63
N ALA A 937 -44.83 34.74 -25.92
CA ALA A 937 -45.42 33.85 -26.90
C ALA A 937 -44.48 32.69 -27.21
N GLU A 938 -43.20 32.97 -27.44
CA GLU A 938 -42.23 31.93 -27.73
C GLU A 938 -41.80 31.17 -26.47
N ARG A 939 -41.99 31.76 -25.29
CA ARG A 939 -41.51 31.16 -24.05
C ARG A 939 -42.46 30.09 -23.53
N ARG A 940 -43.77 30.23 -23.80
CA ARG A 940 -44.72 29.22 -23.36
C ARG A 940 -44.43 27.87 -24.02
N GLN A 941 -43.99 27.89 -25.27
CA GLN A 941 -43.68 26.64 -25.97
C GLN A 941 -42.55 25.89 -25.27
N LYS A 942 -41.50 26.61 -24.86
CA LYS A 942 -40.43 25.97 -24.12
C LYS A 942 -40.92 25.41 -22.78
N ARG A 943 -41.76 26.18 -22.08
CA ARG A 943 -42.31 25.71 -20.81
C ARG A 943 -43.14 24.46 -21.01
N ILE A 944 -43.95 24.42 -22.07
CA ILE A 944 -44.79 23.26 -22.34
C ILE A 944 -43.92 22.08 -22.78
N GLU A 945 -42.95 22.32 -23.65
CA GLU A 945 -42.11 21.24 -24.15
C GLU A 945 -41.29 20.61 -23.03
N GLU A 946 -40.78 21.42 -22.11
CA GLU A 946 -40.03 20.88 -20.97
C GLU A 946 -40.89 19.93 -20.15
N ILE A 947 -42.15 20.30 -19.92
CA ILE A 947 -43.05 19.43 -19.16
C ILE A 947 -43.35 18.17 -19.95
N GLN A 948 -43.54 18.29 -21.26
CA GLN A 948 -43.74 17.12 -22.10
C GLN A 948 -42.52 16.19 -22.05
N MET A 949 -41.32 16.77 -22.05
CA MET A 949 -40.11 15.94 -21.96
C MET A 949 -39.99 15.26 -20.61
N LEU A 950 -40.62 15.81 -19.56
CA LEU A 950 -40.54 15.20 -18.24
C LEU A 950 -41.51 14.04 -18.08
N PHE A 951 -42.64 14.05 -18.78
CA PHE A 951 -43.70 13.09 -18.54
C PHE A 951 -43.87 12.06 -19.64
N GLN A 952 -43.24 12.24 -20.79
CA GLN A 952 -43.42 11.32 -21.92
C GLN A 952 -42.91 9.92 -21.60
HG HG B . -35.30 -13.45 29.16
HG HG C . -26.70 -2.28 30.52
HG HG D . -36.81 14.25 -25.89
C TRS E . -4.89 -0.46 -13.39
C1 TRS E . -4.23 -0.58 -12.02
C2 TRS E . -5.25 1.00 -13.69
C3 TRS E . -6.14 -1.33 -13.48
N TRS E . -3.95 -0.91 -14.40
O1 TRS E . -5.11 -0.10 -11.03
O2 TRS E . -5.70 1.10 -15.02
O3 TRS E . -5.76 -2.69 -13.48
#